data_7Q2Z
#
_entry.id   7Q2Z
#
_cell.length_a   1.00
_cell.length_b   1.00
_cell.length_c   1.00
_cell.angle_alpha   90.00
_cell.angle_beta   90.00
_cell.angle_gamma   90.00
#
_symmetry.space_group_name_H-M   'P 1'
#
loop_
_entity.id
_entity.type
_entity.pdbx_description
1 polymer 'Condensin complex subunit 3'
2 polymer 'Condensin complex subunit 2'
3 polymer DNA
4 polymer DNA
#
loop_
_entity_poly.entity_id
_entity_poly.type
_entity_poly.pdbx_seq_one_letter_code
_entity_poly.pdbx_strand_id
1 'polypeptide(L)'
;MQDPDGIDINTKIFNSVAEVFQKAQGSYAGHRKHIAVLKKIQSKAVEQGYEDAFNFWFDKLVTKILPLKKNEIIGDRIVK
LVAAFIASLERELILAKKQNYKLTNDEEGIFSRFVDQFIRHVLRGVESPDKNVRFRVLQLLAVIMDNIGEIDESLFNLLI
LSLNKRIYDREPTVRIQAVFCLTKFQDEEQTEHLTELSDNEENFEATRTLVASIQNDPSAEVRRAAMLNLINDNNTRPYI
LERARDVNIVNRRLVYSRILKSMGRKCFDDIEPHIFDQLIEWGLEDRELSVRNACKRLIAHDWLNALDGDLIELLEKLDV
SRSSVCVKAIEALFQSRPDILSKIKFPESIWKDFTVEIAFLFRAIYLYCLDNNITEMLEENFPEASKLSEHLNHYILLRY
HHNDISNDSQSHFDYNTLEFIIEQLSIAAERYDYSDEVGRRSMLTVVRNMLALTTLSEPLIKIGIRVMKSLSINEKDFVT
MAIEIINDIRDDDIEKQEQEEKIKSKKINRRNETSVDEEDENGTHNDEVNEDEEDDNISSFHSAVENLVQGNGNVSESDI
INNLPPEKEASSATIVLCLTRSSYMLELVNTPLTENILIASLMDTLITPAVRNTAPNIRELGVKNLGLCCLLDVKLAIDN
MYILGMCVSKGNASLKYIALQVIVDIFSVHGNTVVDGEGKVDSISLHKIFYKVLKNNGLPECQVIAAEGLCKLFLADVFT
DDDLFETLVLSYFSPINSSNEALVQAFAFCIPVYCFSHPAHQQRMSRTAADILLRLCVLWDDLQSSVIPEVDREAMLKPN
IIFQQLLFWTDPRNLVNQTGSTKKDTVQLTFLIDVLKIYAQIEKKEIKKMIITNINAIFLSSEQDYSTLKELLEYSDDIA
ENDNLDNVSKNALDKLRNNLNSLIEEINERSETQTKDENNTANDQYSSILGNSFNKSSNDTIEHAADITDGNNTELTKTT
VNISAVDNTTEQSNSRKRTRSEAEQIDTSKNLENMSIQDTSTVAKNVSFVLPDEKSDAMSIDEEDKDSESFSEVC
;
E
2 'polypeptide(L)'
;MTTQLRYENNDDDERVEYNLFTNRSTMMANFEEWIKMATDNKINSRNSWNFALIDYFYDLDVLKDGENNINFQKASATLD
GCIKIYSSRVDSVTTETGKLLSGLAQRKTNGASNGDDSNGGNGEGLGGDSDEANIEIDPLTGMPISNDPDVNNTRRRVYN
RVLETTLVEFETIKMKELDQELIIDPLFKKALVDFDEGGAKSLLLNTLNIDNTARVIFDASIKDTQNVGQGKLQRKEEEL
IERDSLVDDENEPSQSLISTRNDSTVNDSVISAPSMEDEILSLGMDFIKFDQIAVCEISGSIEQLRNVVEDINQAKDFIE
NVNNRFDNFLTEEELQAAVPDNAEDDSDGFDMGMQQELCYPDENHDNTSHDEQDDDNVNSTTGSIFEKDLMAYFDENLNR
NWRGREHWKVRNFKKANLVNKESDLLEETRTTIGDTTDKNTTDDKSMDTKKKHKQKKVLEIDFFKTDDSFEDKVFASKGR
TKIDMPIKNRKNDTHYLLPDDFHFSTDRITRLFIKPGQKMSLFSHRKHTRGDVSSGLFEKSTVSANHSNNDIPTIADEHF
WADNYERKEQEEKEKEQSKEVGDVVGGALDNPFEDDMDGVDFNQAFEGTDDNEEASVKLDLQDDEDHKFPIRENKVTYSR
VSKKVDVRRLKKNVWRSINNLIQEHDSRKNREQSSNDSETHTEDESTKELKFSDIIQGISKMYSDDTLKDISTSFCFICL
LHLANEHGLQITHTENYNDLIVNYEDLATTQAAS
;
C
3 'polydeoxyribonucleotide'
;(DT)(DT)(DT)(DT)(DT)(DT)(DT)(DT)(DT)(DT)(DT)(DT)(DT)(DT)(DT)(DT)(DT)(DT)(DT)(DT)
(DT)(DT)(DT)
;
F
4 'polydeoxyribonucleotide'
;(DA)(DA)(DA)(DA)(DA)(DA)(DA)(DA)(DA)(DA)(DA)(DA)(DA)(DA)(DA)(DA)(DA)(DA)(DA)(DA)
(DA)(DA)(DA)
;
G
#
loop_
_chem_comp.id
_chem_comp.type
_chem_comp.name
_chem_comp.formula
DA DNA linking 2'-DEOXYADENOSINE-5'-MONOPHOSPHATE 'C10 H14 N5 O6 P'
DT DNA linking THYMIDINE-5'-MONOPHOSPHATE 'C10 H15 N2 O8 P'
#
# COMPACT_ATOMS: atom_id res chain seq x y z
N ASP A 8 -9.77 -67.91 13.22
CA ASP A 8 -8.33 -67.96 13.01
C ASP A 8 -7.94 -67.21 11.75
N ILE A 9 -8.88 -67.10 10.80
CA ILE A 9 -8.60 -66.41 9.56
C ILE A 9 -8.51 -64.90 9.79
N ASN A 10 -9.23 -64.40 10.80
CA ASN A 10 -9.16 -62.98 11.12
C ASN A 10 -7.77 -62.59 11.61
N THR A 11 -7.15 -63.46 12.41
CA THR A 11 -5.79 -63.19 12.89
C THR A 11 -4.82 -63.12 11.72
N LYS A 12 -4.97 -64.03 10.75
CA LYS A 12 -4.10 -64.01 9.58
C LYS A 12 -4.32 -62.76 8.74
N ILE A 13 -5.58 -62.34 8.58
CA ILE A 13 -5.87 -61.12 7.83
C ILE A 13 -5.23 -59.92 8.53
N PHE A 14 -5.38 -59.84 9.85
CA PHE A 14 -4.77 -58.75 10.60
C PHE A 14 -3.26 -58.76 10.46
N ASN A 15 -2.64 -59.94 10.55
CA ASN A 15 -1.19 -60.04 10.42
C ASN A 15 -0.72 -59.57 9.04
N SER A 16 -1.44 -60.00 7.99
CA SER A 16 -1.06 -59.60 6.64
C SER A 16 -1.18 -58.09 6.45
N VAL A 17 -2.30 -57.51 6.88
CA VAL A 17 -2.50 -56.07 6.68
C VAL A 17 -1.52 -55.28 7.54
N ALA A 18 -1.20 -55.77 8.74
CA ALA A 18 -0.24 -55.07 9.59
C ALA A 18 1.15 -55.12 9.01
N GLU A 19 1.55 -56.27 8.43
CA GLU A 19 2.84 -56.35 7.76
C GLU A 19 2.88 -55.42 6.57
N VAL A 20 1.79 -55.34 5.80
CA VAL A 20 1.74 -54.42 4.66
C VAL A 20 1.91 -52.97 5.13
N PHE A 21 1.21 -52.59 6.20
CA PHE A 21 1.32 -51.22 6.70
C PHE A 21 2.71 -50.93 7.25
N GLN A 22 3.31 -51.88 7.97
CA GLN A 22 4.66 -51.71 8.48
C GLN A 22 5.68 -51.57 7.38
N LYS A 23 5.53 -52.32 6.29
CA LYS A 23 6.45 -52.20 5.16
C LYS A 23 6.18 -50.95 4.32
N ALA A 24 4.95 -50.43 4.35
CA ALA A 24 4.62 -49.26 3.55
C ALA A 24 4.96 -47.95 4.26
N GLN A 25 4.94 -47.92 5.59
CA GLN A 25 5.29 -46.68 6.29
C GLN A 25 6.76 -46.31 6.16
N GLY A 26 7.59 -47.21 5.66
CA GLY A 26 9.02 -46.94 5.54
C GLY A 26 9.34 -45.83 4.58
N SER A 27 9.31 -46.13 3.28
CA SER A 27 9.62 -45.14 2.25
C SER A 27 8.58 -45.22 1.15
N TYR A 28 8.59 -44.23 0.26
CA TYR A 28 7.65 -44.18 -0.85
C TYR A 28 7.97 -45.20 -1.93
N ALA A 29 9.18 -45.76 -1.94
CA ALA A 29 9.54 -46.75 -2.95
C ALA A 29 8.83 -48.07 -2.68
N GLY A 30 8.06 -48.53 -3.66
CA GLY A 30 7.32 -49.77 -3.53
C GLY A 30 5.89 -49.64 -3.11
N HIS A 31 5.24 -48.52 -3.41
CA HIS A 31 3.84 -48.30 -3.05
C HIS A 31 2.87 -48.86 -4.09
N ARG A 32 3.31 -49.81 -4.91
CA ARG A 32 2.44 -50.49 -5.87
C ARG A 32 2.24 -51.97 -5.56
N LYS A 33 3.30 -52.67 -5.18
CA LYS A 33 3.15 -54.05 -4.72
C LYS A 33 2.29 -54.11 -3.46
N HIS A 34 2.37 -53.08 -2.62
CA HIS A 34 1.52 -53.03 -1.43
C HIS A 34 0.05 -52.90 -1.82
N ILE A 35 -0.25 -52.03 -2.79
CA ILE A 35 -1.63 -51.90 -3.25
C ILE A 35 -2.10 -53.20 -3.87
N ALA A 36 -1.22 -53.87 -4.61
CA ALA A 36 -1.58 -55.14 -5.24
C ALA A 36 -1.91 -56.20 -4.20
N VAL A 37 -1.06 -56.34 -3.17
CA VAL A 37 -1.30 -57.37 -2.17
C VAL A 37 -2.51 -57.02 -1.31
N LEU A 38 -2.75 -55.72 -1.10
CA LEU A 38 -3.97 -55.32 -0.39
C LEU A 38 -5.22 -55.69 -1.18
N LYS A 39 -5.19 -55.46 -2.50
CA LYS A 39 -6.33 -55.83 -3.33
C LYS A 39 -6.53 -57.34 -3.34
N LYS A 40 -5.43 -58.10 -3.38
CA LYS A 40 -5.55 -59.56 -3.34
C LYS A 40 -6.13 -60.04 -2.01
N ILE A 41 -5.69 -59.44 -0.90
CA ILE A 41 -6.23 -59.81 0.41
C ILE A 41 -7.71 -59.48 0.48
N GLN A 42 -8.11 -58.31 -0.01
CA GLN A 42 -9.52 -57.95 0.00
C GLN A 42 -10.34 -58.89 -0.87
N SER A 43 -9.81 -59.29 -2.02
CA SER A 43 -10.53 -60.21 -2.90
C SER A 43 -10.69 -61.57 -2.23
N LYS A 44 -9.62 -62.08 -1.60
CA LYS A 44 -9.73 -63.36 -0.91
C LYS A 44 -10.72 -63.28 0.25
N ALA A 45 -10.75 -62.14 0.95
CA ALA A 45 -11.67 -61.98 2.07
C ALA A 45 -13.12 -61.95 1.60
N VAL A 46 -13.40 -61.21 0.52
CA VAL A 46 -14.77 -61.14 0.03
C VAL A 46 -15.18 -62.41 -0.70
N GLU A 47 -14.23 -63.22 -1.15
CA GLU A 47 -14.56 -64.50 -1.77
C GLU A 47 -14.84 -65.57 -0.72
N GLN A 48 -14.05 -65.58 0.36
CA GLN A 48 -14.27 -66.56 1.42
C GLN A 48 -15.51 -66.19 2.24
N GLY A 49 -15.75 -64.89 2.41
CA GLY A 49 -16.92 -64.43 3.16
C GLY A 49 -16.56 -63.81 4.48
N TYR A 50 -15.62 -62.85 4.48
CA TYR A 50 -15.18 -62.17 5.68
C TYR A 50 -14.66 -60.78 5.29
N GLU A 51 -15.56 -59.93 4.82
CA GLU A 51 -15.21 -58.56 4.49
C GLU A 51 -15.41 -57.60 5.66
N ASP A 52 -16.34 -57.91 6.57
CA ASP A 52 -16.55 -57.06 7.74
C ASP A 52 -15.31 -57.04 8.62
N ALA A 53 -14.67 -58.20 8.81
CA ALA A 53 -13.45 -58.25 9.60
C ALA A 53 -12.33 -57.47 8.91
N PHE A 54 -12.24 -57.56 7.59
CA PHE A 54 -11.23 -56.80 6.85
C PHE A 54 -11.43 -55.30 7.05
N ASN A 55 -12.68 -54.84 6.92
CA ASN A 55 -12.97 -53.42 7.10
C ASN A 55 -12.67 -52.98 8.54
N PHE A 56 -13.07 -53.80 9.52
CA PHE A 56 -12.80 -53.47 10.91
C PHE A 56 -11.30 -53.34 11.18
N TRP A 57 -10.51 -54.28 10.66
CA TRP A 57 -9.07 -54.25 10.94
C TRP A 57 -8.40 -53.12 10.18
N PHE A 58 -8.88 -52.80 8.97
CA PHE A 58 -8.38 -51.65 8.24
C PHE A 58 -8.63 -50.36 9.03
N ASP A 59 -9.83 -50.20 9.56
CA ASP A 59 -10.13 -49.03 10.37
C ASP A 59 -9.26 -48.99 11.63
N LYS A 60 -9.06 -50.15 12.27
CA LYS A 60 -8.25 -50.20 13.48
C LYS A 60 -6.82 -49.76 13.19
N LEU A 61 -6.25 -50.25 12.09
CA LEU A 61 -4.87 -49.90 11.75
C LEU A 61 -4.74 -48.49 11.21
N VAL A 62 -5.81 -47.93 10.64
CA VAL A 62 -5.76 -46.55 10.17
C VAL A 62 -5.89 -45.57 11.34
N THR A 63 -6.63 -45.95 12.37
CA THR A 63 -6.84 -45.07 13.52
C THR A 63 -5.54 -44.72 14.22
N LYS A 64 -4.50 -45.55 14.08
CA LYS A 64 -3.25 -45.35 14.79
C LYS A 64 -2.42 -44.19 14.25
N ILE A 65 -2.88 -43.49 13.22
CA ILE A 65 -2.13 -42.39 12.63
C ILE A 65 -2.76 -41.04 12.93
N LEU A 66 -3.87 -41.02 13.67
CA LEU A 66 -4.58 -39.78 13.96
C LEU A 66 -3.86 -38.92 15.00
N PRO A 67 -3.39 -39.46 16.13
CA PRO A 67 -2.73 -38.59 17.13
C PRO A 67 -1.41 -38.00 16.68
N LEU A 68 -0.93 -38.29 15.48
CA LEU A 68 0.35 -37.78 15.02
C LEU A 68 0.25 -36.29 14.69
N LYS A 69 1.34 -35.58 14.94
CA LYS A 69 1.40 -34.15 14.66
C LYS A 69 1.53 -33.92 13.15
N LYS A 70 1.18 -32.70 12.72
CA LYS A 70 1.27 -32.36 11.31
C LYS A 70 2.67 -32.55 10.77
N ASN A 71 3.70 -32.18 11.55
CA ASN A 71 5.09 -32.31 11.13
C ASN A 71 5.56 -33.75 11.39
N GLU A 72 4.99 -34.67 10.61
CA GLU A 72 5.34 -36.09 10.71
C GLU A 72 5.26 -36.71 9.33
N ILE A 73 6.20 -37.59 9.02
CA ILE A 73 6.25 -38.23 7.72
C ILE A 73 5.61 -39.62 7.75
N ILE A 74 5.71 -40.32 8.90
CA ILE A 74 5.10 -41.64 9.02
C ILE A 74 3.59 -41.54 8.80
N GLY A 75 2.95 -40.54 9.42
CA GLY A 75 1.54 -40.32 9.18
C GLY A 75 1.22 -39.77 7.81
N ASP A 76 2.17 -39.08 7.18
CA ASP A 76 1.97 -38.56 5.84
C ASP A 76 2.08 -39.64 4.77
N ARG A 77 2.75 -40.75 5.07
CA ARG A 77 2.82 -41.84 4.10
C ARG A 77 1.56 -42.69 4.08
N ILE A 78 0.93 -42.88 5.25
CA ILE A 78 -0.23 -43.76 5.33
C ILE A 78 -1.43 -43.15 4.62
N VAL A 79 -1.61 -41.84 4.73
CA VAL A 79 -2.73 -41.19 4.06
C VAL A 79 -2.57 -41.28 2.55
N LYS A 80 -1.35 -41.12 2.04
CA LYS A 80 -1.11 -41.26 0.61
C LYS A 80 -1.30 -42.71 0.17
N LEU A 81 -0.93 -43.67 1.02
CA LEU A 81 -1.16 -45.08 0.70
C LEU A 81 -2.65 -45.37 0.58
N VAL A 82 -3.45 -44.85 1.52
CA VAL A 82 -4.90 -45.07 1.47
C VAL A 82 -5.49 -44.39 0.24
N ALA A 83 -5.02 -43.19 -0.08
CA ALA A 83 -5.51 -42.49 -1.27
C ALA A 83 -5.19 -43.27 -2.53
N ALA A 84 -3.96 -43.80 -2.64
CA ALA A 84 -3.59 -44.58 -3.80
C ALA A 84 -4.41 -45.87 -3.88
N PHE A 85 -4.71 -46.47 -2.73
CA PHE A 85 -5.55 -47.67 -2.71
C PHE A 85 -6.94 -47.37 -3.25
N ILE A 86 -7.55 -46.28 -2.77
CA ILE A 86 -8.89 -45.91 -3.25
C ILE A 86 -8.86 -45.58 -4.73
N ALA A 87 -7.83 -44.87 -5.18
CA ALA A 87 -7.74 -44.49 -6.59
C ALA A 87 -7.58 -45.72 -7.47
N SER A 88 -6.72 -46.67 -7.08
CA SER A 88 -6.53 -47.88 -7.87
C SER A 88 -7.76 -48.77 -7.83
N LEU A 89 -8.52 -48.74 -6.74
CA LEU A 89 -9.74 -49.54 -6.67
C LEU A 89 -10.87 -48.93 -7.50
N GLU A 90 -10.88 -47.61 -7.66
CA GLU A 90 -11.92 -46.99 -8.48
C GLU A 90 -11.56 -46.95 -9.96
N ARG A 91 -10.27 -46.88 -10.28
CA ARG A 91 -9.86 -46.83 -11.68
C ARG A 91 -10.19 -48.12 -12.42
N GLU A 92 -10.20 -49.25 -11.72
CA GLU A 92 -10.61 -50.50 -12.34
C GLU A 92 -12.04 -50.43 -12.83
N LEU A 93 -12.95 -49.96 -11.97
CA LEU A 93 -14.34 -49.82 -12.36
C LEU A 93 -14.51 -48.75 -13.45
N ILE A 94 -13.71 -47.68 -13.37
CA ILE A 94 -13.77 -46.64 -14.40
C ILE A 94 -13.41 -47.22 -15.76
N LEU A 95 -12.32 -47.99 -15.83
CA LEU A 95 -11.92 -48.59 -17.09
C LEU A 95 -12.93 -49.62 -17.57
N ALA A 96 -13.48 -50.42 -16.64
CA ALA A 96 -14.48 -51.41 -17.03
C ALA A 96 -15.73 -50.76 -17.60
N LYS A 97 -16.15 -49.62 -17.05
CA LYS A 97 -17.29 -48.91 -17.60
C LYS A 97 -16.92 -48.16 -18.88
N LYS A 98 -15.65 -47.81 -19.05
CA LYS A 98 -15.23 -47.10 -20.25
C LYS A 98 -15.18 -48.03 -21.46
N GLN A 99 -14.34 -49.06 -21.40
CA GLN A 99 -14.17 -49.96 -22.55
C GLN A 99 -15.26 -51.02 -22.50
N ASN A 100 -16.13 -50.98 -23.51
CA ASN A 100 -17.22 -51.95 -23.68
C ASN A 100 -18.07 -52.01 -22.42
N TYR A 101 -18.69 -53.17 -22.15
CA TYR A 101 -19.49 -53.39 -20.95
C TYR A 101 -19.19 -54.79 -20.44
N LYS A 102 -18.19 -54.91 -19.58
CA LYS A 102 -17.74 -56.19 -19.05
C LYS A 102 -18.38 -56.42 -17.69
N LEU A 103 -19.06 -57.55 -17.54
CA LEU A 103 -19.66 -57.90 -16.25
C LEU A 103 -18.60 -58.50 -15.32
N THR A 104 -18.44 -57.89 -14.15
CA THR A 104 -17.45 -58.31 -13.18
C THR A 104 -18.10 -59.17 -12.10
N ASN A 105 -17.34 -59.49 -11.05
CA ASN A 105 -17.83 -60.35 -9.97
C ASN A 105 -18.33 -59.51 -8.80
N ASP A 106 -19.22 -58.55 -9.08
CA ASP A 106 -19.81 -57.69 -8.06
C ASP A 106 -18.74 -56.94 -7.26
N GLU A 107 -18.23 -55.84 -7.82
CA GLU A 107 -17.26 -55.00 -7.13
C GLU A 107 -17.76 -53.59 -6.85
N GLU A 108 -18.77 -53.11 -7.57
CA GLU A 108 -19.29 -51.77 -7.33
C GLU A 108 -19.90 -51.66 -5.94
N GLY A 109 -20.70 -52.66 -5.55
CA GLY A 109 -21.29 -52.64 -4.23
C GLY A 109 -20.26 -52.75 -3.12
N ILE A 110 -19.23 -53.58 -3.33
CA ILE A 110 -18.16 -53.71 -2.34
C ILE A 110 -17.43 -52.37 -2.18
N PHE A 111 -17.11 -51.73 -3.31
CA PHE A 111 -16.45 -50.43 -3.24
C PHE A 111 -17.31 -49.39 -2.53
N SER A 112 -18.60 -49.35 -2.87
CA SER A 112 -19.49 -48.39 -2.23
C SER A 112 -19.57 -48.62 -0.73
N ARG A 113 -19.74 -49.87 -0.31
CA ARG A 113 -19.80 -50.17 1.11
C ARG A 113 -18.49 -49.83 1.82
N PHE A 114 -17.35 -50.08 1.16
CA PHE A 114 -16.07 -49.79 1.77
C PHE A 114 -15.89 -48.30 1.98
N VAL A 115 -16.17 -47.49 0.95
CA VAL A 115 -16.04 -46.04 1.09
C VAL A 115 -17.02 -45.52 2.14
N ASP A 116 -18.24 -46.06 2.17
CA ASP A 116 -19.23 -45.61 3.14
C ASP A 116 -18.77 -45.87 4.56
N GLN A 117 -18.31 -47.10 4.83
CA GLN A 117 -17.89 -47.44 6.18
C GLN A 117 -16.61 -46.69 6.56
N PHE A 118 -15.71 -46.45 5.61
CA PHE A 118 -14.49 -45.72 5.93
C PHE A 118 -14.79 -44.26 6.24
N ILE A 119 -15.75 -43.66 5.52
CA ILE A 119 -16.12 -42.29 5.81
C ILE A 119 -16.85 -42.20 7.14
N ARG A 120 -17.74 -43.15 7.43
CA ARG A 120 -18.47 -43.13 8.68
C ARG A 120 -17.60 -43.46 9.87
N HIS A 121 -16.45 -44.12 9.65
CA HIS A 121 -15.55 -44.41 10.76
C HIS A 121 -14.61 -43.26 11.05
N VAL A 122 -14.12 -42.58 10.01
CA VAL A 122 -13.16 -41.49 10.23
C VAL A 122 -13.87 -40.26 10.78
N LEU A 123 -15.17 -40.12 10.51
CA LEU A 123 -15.94 -38.98 11.01
C LEU A 123 -16.28 -39.09 12.49
N ARG A 124 -15.88 -40.17 13.16
CA ARG A 124 -16.13 -40.31 14.59
C ARG A 124 -15.14 -39.52 15.45
N GLY A 125 -14.22 -38.79 14.84
CA GLY A 125 -13.28 -37.98 15.59
C GLY A 125 -13.18 -36.57 15.05
N VAL A 126 -14.25 -36.11 14.37
CA VAL A 126 -14.26 -34.78 13.80
C VAL A 126 -14.45 -33.71 14.87
N GLU A 127 -14.89 -34.10 16.07
CA GLU A 127 -15.08 -33.17 17.17
C GLU A 127 -14.23 -33.57 18.38
N SER A 128 -13.10 -34.21 18.13
CA SER A 128 -12.21 -34.63 19.20
C SER A 128 -11.47 -33.43 19.79
N PRO A 129 -11.20 -33.45 21.10
CA PRO A 129 -10.45 -32.33 21.70
C PRO A 129 -9.04 -32.18 21.16
N ASP A 130 -8.43 -33.27 20.72
CA ASP A 130 -7.09 -33.19 20.16
C ASP A 130 -7.13 -32.59 18.76
N LYS A 131 -6.33 -31.55 18.55
CA LYS A 131 -6.31 -30.89 17.24
C LYS A 131 -5.63 -31.76 16.19
N ASN A 132 -4.69 -32.62 16.59
CA ASN A 132 -4.02 -33.48 15.64
C ASN A 132 -4.98 -34.50 15.04
N VAL A 133 -5.88 -35.04 15.85
CA VAL A 133 -6.86 -36.01 15.35
C VAL A 133 -7.78 -35.35 14.32
N ARG A 134 -8.26 -34.14 14.63
CA ARG A 134 -9.11 -33.42 13.70
C ARG A 134 -8.36 -33.09 12.41
N PHE A 135 -7.11 -32.67 12.52
CA PHE A 135 -6.29 -32.39 11.34
C PHE A 135 -6.15 -33.62 10.47
N ARG A 136 -5.84 -34.78 11.08
CA ARG A 136 -5.64 -35.99 10.31
C ARG A 136 -6.94 -36.46 9.66
N VAL A 137 -8.06 -36.33 10.38
CA VAL A 137 -9.35 -36.72 9.82
C VAL A 137 -9.69 -35.84 8.61
N LEU A 138 -9.51 -34.53 8.75
CA LEU A 138 -9.81 -33.62 7.65
C LEU A 138 -8.86 -33.84 6.48
N GLN A 139 -7.59 -34.17 6.75
CA GLN A 139 -6.66 -34.43 5.67
C GLN A 139 -7.01 -35.72 4.92
N LEU A 140 -7.40 -36.77 5.65
CA LEU A 140 -7.87 -37.98 5.00
C LEU A 140 -9.09 -37.71 4.14
N LEU A 141 -10.05 -36.94 4.67
CA LEU A 141 -11.24 -36.62 3.90
C LEU A 141 -10.88 -35.83 2.64
N ALA A 142 -9.96 -34.87 2.76
CA ALA A 142 -9.58 -34.07 1.60
C ALA A 142 -8.87 -34.90 0.55
N VAL A 143 -8.02 -35.84 0.98
CA VAL A 143 -7.27 -36.63 0.00
C VAL A 143 -8.12 -37.74 -0.60
N ILE A 144 -9.22 -38.13 0.06
CA ILE A 144 -10.14 -39.12 -0.52
C ILE A 144 -11.24 -38.48 -1.36
N MET A 145 -11.59 -37.21 -1.12
CA MET A 145 -12.68 -36.58 -1.85
C MET A 145 -12.43 -36.57 -3.35
N ASP A 146 -11.18 -36.69 -3.79
CA ASP A 146 -10.89 -36.71 -5.22
C ASP A 146 -11.44 -37.97 -5.87
N ASN A 147 -11.33 -39.10 -5.19
CA ASN A 147 -11.80 -40.39 -5.70
C ASN A 147 -12.83 -40.94 -4.71
N ILE A 148 -14.11 -40.73 -5.01
CA ILE A 148 -15.18 -41.13 -4.11
C ILE A 148 -16.36 -41.66 -4.91
N GLY A 149 -16.52 -41.19 -6.14
CA GLY A 149 -17.65 -41.61 -6.94
C GLY A 149 -18.96 -41.04 -6.42
N GLU A 150 -20.01 -41.83 -6.58
CA GLU A 150 -21.34 -41.45 -6.13
C GLU A 150 -21.61 -41.99 -4.73
N ILE A 151 -22.19 -41.15 -3.88
CA ILE A 151 -22.48 -41.52 -2.50
C ILE A 151 -23.96 -41.33 -2.21
N ASP A 152 -24.40 -41.76 -1.03
CA ASP A 152 -25.79 -41.63 -0.65
C ASP A 152 -26.09 -40.19 -0.20
N GLU A 153 -27.37 -39.91 0.01
CA GLU A 153 -27.77 -38.56 0.42
C GLU A 153 -27.47 -38.31 1.89
N SER A 154 -27.63 -39.33 2.74
CA SER A 154 -27.39 -39.16 4.16
C SER A 154 -25.92 -38.85 4.44
N LEU A 155 -25.01 -39.60 3.80
CA LEU A 155 -23.59 -39.35 3.98
C LEU A 155 -23.20 -37.97 3.47
N PHE A 156 -23.77 -37.56 2.33
CA PHE A 156 -23.47 -36.23 1.80
C PHE A 156 -23.94 -35.14 2.74
N ASN A 157 -25.16 -35.28 3.28
CA ASN A 157 -25.67 -34.29 4.23
C ASN A 157 -24.82 -34.23 5.49
N LEU A 158 -24.41 -35.40 5.99
CA LEU A 158 -23.55 -35.42 7.18
C LEU A 158 -22.21 -34.74 6.90
N LEU A 159 -21.64 -34.99 5.72
CA LEU A 159 -20.37 -34.37 5.37
C LEU A 159 -20.51 -32.86 5.26
N ILE A 160 -21.58 -32.38 4.61
CA ILE A 160 -21.77 -30.94 4.48
C ILE A 160 -21.97 -30.31 5.86
N LEU A 161 -22.73 -30.97 6.74
CA LEU A 161 -22.94 -30.43 8.07
C LEU A 161 -21.62 -30.36 8.84
N SER A 162 -20.82 -31.43 8.78
CA SER A 162 -19.55 -31.44 9.49
C SER A 162 -18.61 -30.36 8.96
N LEU A 163 -18.58 -30.17 7.64
CA LEU A 163 -17.69 -29.16 7.07
C LEU A 163 -18.15 -27.75 7.41
N ASN A 164 -19.46 -27.50 7.35
CA ASN A 164 -19.97 -26.19 7.72
C ASN A 164 -19.86 -25.93 9.23
N LYS A 165 -19.70 -26.97 10.03
CA LYS A 165 -19.43 -26.78 11.45
C LYS A 165 -17.96 -26.57 11.74
N ARG A 166 -17.08 -27.22 10.98
CA ARG A 166 -15.63 -27.11 11.20
C ARG A 166 -14.99 -25.99 10.41
N ILE A 167 -15.74 -25.27 9.56
CA ILE A 167 -15.16 -24.14 8.86
C ILE A 167 -14.89 -22.99 9.81
N TYR A 168 -15.63 -22.90 10.91
CA TYR A 168 -15.34 -21.93 11.97
C TYR A 168 -14.62 -22.62 13.12
N ASP A 169 -13.46 -23.18 12.80
CA ASP A 169 -12.64 -23.88 13.77
C ASP A 169 -11.64 -22.93 14.41
N ARG A 170 -11.07 -23.37 15.54
CA ARG A 170 -10.11 -22.54 16.26
C ARG A 170 -8.73 -22.61 15.60
N GLU A 171 -8.26 -23.80 15.28
CA GLU A 171 -6.95 -23.96 14.67
C GLU A 171 -6.99 -23.55 13.21
N PRO A 172 -6.05 -22.73 12.74
CA PRO A 172 -6.06 -22.34 11.32
C PRO A 172 -5.79 -23.50 10.37
N THR A 173 -4.98 -24.47 10.79
CA THR A 173 -4.67 -25.59 9.90
C THR A 173 -5.90 -26.45 9.65
N VAL A 174 -6.73 -26.65 10.68
CA VAL A 174 -7.98 -27.36 10.50
C VAL A 174 -8.89 -26.61 9.55
N ARG A 175 -8.86 -25.28 9.59
CA ARG A 175 -9.67 -24.49 8.67
C ARG A 175 -9.16 -24.60 7.24
N ILE A 176 -7.84 -24.66 7.06
CA ILE A 176 -7.27 -24.87 5.73
C ILE A 176 -7.68 -26.23 5.19
N GLN A 177 -7.64 -27.27 6.03
CA GLN A 177 -8.10 -28.58 5.60
C GLN A 177 -9.59 -28.56 5.28
N ALA A 178 -10.37 -27.79 6.03
CA ALA A 178 -11.79 -27.68 5.78
C ALA A 178 -12.07 -27.03 4.42
N VAL A 179 -11.32 -25.98 4.08
CA VAL A 179 -11.54 -25.35 2.78
C VAL A 179 -11.04 -26.26 1.65
N PHE A 180 -9.98 -27.04 1.90
CA PHE A 180 -9.55 -28.02 0.91
C PHE A 180 -10.62 -29.10 0.70
N CYS A 181 -11.36 -29.43 1.76
CA CYS A 181 -12.45 -30.39 1.61
C CYS A 181 -13.64 -29.76 0.90
N LEU A 182 -13.90 -28.47 1.16
CA LEU A 182 -15.09 -27.82 0.61
C LEU A 182 -14.89 -27.42 -0.84
N THR A 183 -13.65 -27.25 -1.29
CA THR A 183 -13.41 -26.83 -2.67
C THR A 183 -13.68 -27.95 -3.67
N LYS A 184 -14.22 -29.08 -3.19
CA LYS A 184 -14.55 -30.21 -4.05
C LYS A 184 -16.04 -30.33 -4.34
N PHE A 185 -16.90 -29.64 -3.60
CA PHE A 185 -18.34 -29.71 -3.80
C PHE A 185 -18.89 -28.44 -4.45
N GLN A 186 -18.10 -27.79 -5.30
CA GLN A 186 -18.54 -26.59 -5.97
C GLN A 186 -19.22 -26.92 -7.29
N ASP A 187 -20.02 -25.98 -7.79
CA ASP A 187 -20.74 -26.15 -9.03
C ASP A 187 -20.95 -24.79 -9.68
N GLU A 188 -21.10 -24.79 -11.00
CA GLU A 188 -21.32 -23.56 -11.75
C GLU A 188 -22.79 -23.16 -11.71
N GLU A 205 -23.98 -23.80 -2.00
CA GLU A 205 -23.74 -23.55 -0.59
C GLU A 205 -22.25 -23.51 -0.27
N ALA A 206 -21.46 -24.25 -1.07
CA ALA A 206 -20.03 -24.27 -0.87
C ALA A 206 -19.37 -22.98 -1.34
N THR A 207 -19.85 -22.42 -2.45
CA THR A 207 -19.30 -21.17 -2.94
C THR A 207 -19.59 -20.02 -1.99
N ARG A 208 -20.80 -19.96 -1.45
CA ARG A 208 -21.15 -18.90 -0.50
C ARG A 208 -20.31 -19.02 0.78
N THR A 209 -19.96 -20.25 1.17
CA THR A 209 -19.11 -20.42 2.34
C THR A 209 -17.66 -20.02 2.03
N LEU A 210 -17.19 -20.35 0.82
CA LEU A 210 -15.81 -20.03 0.47
C LEU A 210 -15.60 -18.52 0.30
N VAL A 211 -16.58 -17.83 -0.30
CA VAL A 211 -16.45 -16.39 -0.47
C VAL A 211 -16.59 -15.65 0.85
N ALA A 212 -17.15 -16.30 1.87
CA ALA A 212 -17.23 -15.70 3.20
C ALA A 212 -15.91 -15.81 3.96
N SER A 213 -15.10 -16.82 3.66
CA SER A 213 -13.80 -16.97 4.31
C SER A 213 -12.71 -16.15 3.64
N ILE A 214 -12.87 -15.81 2.35
CA ILE A 214 -11.87 -14.99 1.67
C ILE A 214 -11.93 -13.54 2.09
N GLN A 215 -12.96 -13.13 2.81
CA GLN A 215 -13.14 -11.74 3.22
C GLN A 215 -13.29 -11.53 4.72
N ASN A 216 -13.41 -12.61 5.51
CA ASN A 216 -13.65 -12.48 6.94
C ASN A 216 -12.78 -13.35 7.82
N ASP A 217 -11.98 -14.25 7.25
CA ASP A 217 -11.16 -15.13 8.08
C ASP A 217 -9.97 -14.35 8.63
N PRO A 218 -9.65 -14.50 9.91
CA PRO A 218 -8.52 -13.74 10.47
C PRO A 218 -7.17 -14.30 10.06
N SER A 219 -7.08 -15.56 9.63
CA SER A 219 -5.83 -16.16 9.23
C SER A 219 -5.55 -15.87 7.77
N ALA A 220 -4.27 -15.64 7.45
CA ALA A 220 -3.89 -15.34 6.07
C ALA A 220 -3.79 -16.61 5.21
N GLU A 221 -3.37 -17.72 5.81
CA GLU A 221 -3.26 -18.97 5.06
C GLU A 221 -4.62 -19.47 4.61
N VAL A 222 -5.64 -19.30 5.46
CA VAL A 222 -6.99 -19.73 5.08
C VAL A 222 -7.49 -18.89 3.91
N ARG A 223 -7.26 -17.58 3.95
CA ARG A 223 -7.66 -16.72 2.83
C ARG A 223 -6.90 -17.08 1.56
N ARG A 224 -5.61 -17.38 1.68
CA ARG A 224 -4.81 -17.78 0.53
C ARG A 224 -5.36 -19.08 -0.08
N ALA A 225 -5.70 -20.05 0.76
CA ALA A 225 -6.23 -21.31 0.27
C ALA A 225 -7.60 -21.10 -0.39
N ALA A 226 -8.46 -20.29 0.22
CA ALA A 226 -9.78 -20.04 -0.37
C ALA A 226 -9.67 -19.26 -1.67
N MET A 227 -8.63 -18.44 -1.82
CA MET A 227 -8.43 -17.71 -3.07
C MET A 227 -7.87 -18.60 -4.16
N LEU A 228 -6.92 -19.47 -3.81
CA LEU A 228 -6.32 -20.35 -4.81
C LEU A 228 -7.30 -21.44 -5.27
N ASN A 229 -8.09 -21.99 -4.34
CA ASN A 229 -9.01 -23.07 -4.65
C ASN A 229 -10.45 -22.59 -4.80
N LEU A 230 -10.67 -21.63 -5.68
CA LEU A 230 -12.01 -21.10 -5.97
C LEU A 230 -12.18 -20.95 -7.47
N ILE A 231 -13.36 -21.32 -7.97
CA ILE A 231 -13.61 -21.29 -9.40
C ILE A 231 -13.66 -19.84 -9.90
N ASN A 232 -13.22 -19.65 -11.14
CA ASN A 232 -13.21 -18.34 -11.77
C ASN A 232 -14.49 -18.18 -12.59
N ASP A 233 -15.42 -17.37 -12.09
CA ASP A 233 -16.69 -17.14 -12.75
C ASP A 233 -17.02 -15.65 -12.63
N ASN A 234 -18.00 -15.21 -13.42
CA ASN A 234 -18.38 -13.80 -13.41
C ASN A 234 -18.94 -13.36 -12.06
N ASN A 235 -19.35 -14.30 -11.21
CA ASN A 235 -19.88 -13.97 -9.90
C ASN A 235 -18.85 -14.09 -8.78
N THR A 236 -17.70 -14.73 -9.05
CA THR A 236 -16.66 -14.91 -8.04
C THR A 236 -15.33 -14.26 -8.40
N ARG A 237 -15.19 -13.72 -9.61
CA ARG A 237 -13.94 -13.10 -10.04
C ARG A 237 -13.62 -11.82 -9.26
N PRO A 238 -14.60 -10.95 -8.98
CA PRO A 238 -14.28 -9.77 -8.15
C PRO A 238 -13.75 -10.13 -6.77
N TYR A 239 -14.33 -11.14 -6.12
CA TYR A 239 -13.86 -11.53 -4.80
C TYR A 239 -12.44 -12.09 -4.85
N ILE A 240 -12.06 -12.72 -5.96
CA ILE A 240 -10.70 -13.24 -6.09
C ILE A 240 -9.73 -12.10 -6.37
N LEU A 241 -10.10 -11.18 -7.26
CA LEU A 241 -9.21 -10.08 -7.62
C LEU A 241 -9.10 -9.04 -6.52
N GLU A 242 -10.04 -9.03 -5.56
CA GLU A 242 -9.99 -8.06 -4.47
C GLU A 242 -8.82 -8.31 -3.53
N ARG A 243 -8.26 -9.52 -3.52
CA ARG A 243 -7.15 -9.85 -2.63
C ARG A 243 -5.83 -9.24 -3.08
N ALA A 244 -5.83 -8.38 -4.08
CA ALA A 244 -4.62 -7.71 -4.52
C ALA A 244 -4.17 -6.62 -3.57
N ARG A 245 -5.01 -6.21 -2.62
CA ARG A 245 -4.66 -5.23 -1.61
C ARG A 245 -4.70 -5.84 -0.21
N ASP A 246 -4.35 -7.13 -0.10
CA ASP A 246 -4.37 -7.81 1.18
C ASP A 246 -3.22 -7.29 2.06
N VAL A 247 -3.37 -7.54 3.38
CA VAL A 247 -2.34 -7.13 4.33
C VAL A 247 -1.15 -8.08 4.35
N ASN A 248 -1.20 -9.15 3.57
CA ASN A 248 -0.11 -10.12 3.49
C ASN A 248 0.61 -9.96 2.16
N ILE A 249 1.94 -10.08 2.19
CA ILE A 249 2.73 -9.91 0.97
C ILE A 249 2.58 -11.12 0.07
N VAL A 250 2.49 -12.32 0.65
CA VAL A 250 2.34 -13.52 -0.16
C VAL A 250 0.98 -13.53 -0.87
N ASN A 251 -0.07 -13.05 -0.19
CA ASN A 251 -1.38 -12.98 -0.82
C ASN A 251 -1.41 -11.94 -1.93
N ARG A 252 -0.67 -10.84 -1.76
CA ARG A 252 -0.59 -9.82 -2.80
C ARG A 252 0.29 -10.24 -3.97
N ARG A 253 1.22 -11.17 -3.75
CA ARG A 253 2.08 -11.66 -4.81
C ARG A 253 1.47 -12.82 -5.58
N LEU A 254 0.68 -13.66 -4.92
CA LEU A 254 0.08 -14.81 -5.59
C LEU A 254 -1.03 -14.40 -6.56
N VAL A 255 -1.63 -13.22 -6.38
CA VAL A 255 -2.63 -12.75 -7.32
C VAL A 255 -1.99 -12.33 -8.64
N TYR A 256 -0.70 -12.01 -8.63
CA TYR A 256 0.02 -11.64 -9.83
C TYR A 256 0.87 -12.76 -10.41
N SER A 257 1.29 -13.72 -9.57
CA SER A 257 2.19 -14.79 -10.00
C SER A 257 1.49 -16.13 -10.16
N ARG A 258 0.17 -16.19 -10.02
CA ARG A 258 -0.53 -17.46 -10.11
C ARG A 258 -1.90 -17.32 -10.78
N ILE A 259 -2.71 -16.38 -10.29
CA ILE A 259 -4.08 -16.24 -10.80
C ILE A 259 -4.06 -15.67 -12.21
N LEU A 260 -3.47 -14.49 -12.38
CA LEU A 260 -3.43 -13.87 -13.70
C LEU A 260 -2.59 -14.69 -14.67
N LYS A 261 -1.54 -15.35 -14.18
CA LYS A 261 -0.74 -16.22 -15.05
C LYS A 261 -1.58 -17.39 -15.56
N SER A 262 -2.41 -17.97 -14.69
CA SER A 262 -3.27 -19.07 -15.12
C SER A 262 -4.38 -18.58 -16.05
N MET A 263 -4.84 -17.34 -15.87
CA MET A 263 -5.85 -16.79 -16.76
C MET A 263 -5.28 -16.55 -18.15
N GLY A 264 -4.12 -15.88 -18.22
CA GLY A 264 -3.47 -15.65 -19.49
C GLY A 264 -4.14 -14.59 -20.35
N ARG A 265 -4.50 -14.95 -21.58
CA ARG A 265 -5.13 -14.02 -22.50
C ARG A 265 -6.55 -13.65 -22.12
N LYS A 266 -7.17 -14.37 -21.19
CA LYS A 266 -8.53 -14.06 -20.75
C LYS A 266 -8.60 -12.81 -19.90
N CYS A 267 -7.46 -12.28 -19.45
CA CYS A 267 -7.46 -11.05 -18.66
C CYS A 267 -7.92 -9.86 -19.48
N PHE A 268 -7.65 -9.86 -20.79
CA PHE A 268 -8.06 -8.77 -21.66
C PHE A 268 -9.51 -8.90 -22.12
N ASP A 269 -10.16 -10.04 -21.85
CA ASP A 269 -11.53 -10.29 -22.27
C ASP A 269 -12.54 -10.27 -21.13
N ASP A 270 -12.18 -10.81 -19.96
CA ASP A 270 -13.12 -10.90 -18.86
C ASP A 270 -12.96 -9.76 -17.85
N ILE A 271 -11.72 -9.40 -17.51
CA ILE A 271 -11.50 -8.34 -16.53
C ILE A 271 -11.91 -7.00 -17.13
N GLU A 272 -12.62 -6.20 -16.35
CA GLU A 272 -13.06 -4.90 -16.82
C GLU A 272 -11.87 -3.96 -17.04
N PRO A 273 -12.00 -2.99 -17.94
CA PRO A 273 -10.87 -2.07 -18.18
C PRO A 273 -10.40 -1.33 -16.94
N HIS A 274 -11.32 -0.75 -16.17
CA HIS A 274 -10.93 0.02 -15.00
C HIS A 274 -10.32 -0.87 -13.91
N ILE A 275 -10.87 -2.07 -13.71
CA ILE A 275 -10.28 -3.00 -12.76
C ILE A 275 -8.88 -3.41 -13.22
N PHE A 276 -8.70 -3.62 -14.52
CA PHE A 276 -7.38 -3.96 -15.04
C PHE A 276 -6.38 -2.84 -14.80
N ASP A 277 -6.79 -1.60 -15.06
CA ASP A 277 -5.90 -0.46 -14.83
C ASP A 277 -5.57 -0.29 -13.36
N GLN A 278 -6.56 -0.51 -12.48
CA GLN A 278 -6.30 -0.43 -11.05
C GLN A 278 -5.34 -1.51 -10.60
N LEU A 279 -5.48 -2.73 -11.16
CA LEU A 279 -4.55 -3.80 -10.82
C LEU A 279 -3.14 -3.47 -11.28
N ILE A 280 -3.00 -2.91 -12.47
CA ILE A 280 -1.68 -2.53 -12.96
C ILE A 280 -1.06 -1.45 -12.08
N GLU A 281 -1.86 -0.45 -11.69
CA GLU A 281 -1.38 0.59 -10.79
C GLU A 281 -0.93 0.00 -9.47
N TRP A 282 -1.73 -0.88 -8.89
CA TRP A 282 -1.39 -1.47 -7.59
C TRP A 282 -0.15 -2.35 -7.68
N GLY A 283 0.06 -3.01 -8.82
CA GLY A 283 1.22 -3.86 -8.98
C GLY A 283 2.51 -3.10 -9.21
N LEU A 284 2.46 -2.06 -10.05
CA LEU A 284 3.66 -1.31 -10.38
C LEU A 284 3.94 -0.16 -9.41
N GLU A 285 3.25 -0.11 -8.26
CA GLU A 285 3.46 0.96 -7.29
C GLU A 285 3.35 0.42 -5.86
N ASP A 286 3.79 -0.81 -5.63
CA ASP A 286 3.73 -1.42 -4.31
C ASP A 286 4.97 -1.09 -3.51
N ARG A 287 4.83 -1.08 -2.18
CA ARG A 287 5.93 -0.78 -1.28
C ARG A 287 6.86 -1.96 -1.08
N GLU A 288 6.59 -3.10 -1.70
CA GLU A 288 7.42 -4.29 -1.57
C GLU A 288 8.09 -4.62 -2.90
N LEU A 289 9.27 -5.23 -2.81
CA LEU A 289 10.03 -5.57 -4.01
C LEU A 289 9.52 -6.84 -4.67
N SER A 290 9.02 -7.79 -3.88
CA SER A 290 8.55 -9.05 -4.45
C SER A 290 7.32 -8.84 -5.32
N VAL A 291 6.37 -8.01 -4.87
CA VAL A 291 5.16 -7.77 -5.66
C VAL A 291 5.50 -7.04 -6.96
N ARG A 292 6.42 -6.07 -6.89
CA ARG A 292 6.82 -5.37 -8.10
C ARG A 292 7.54 -6.30 -9.08
N ASN A 293 8.41 -7.17 -8.56
CA ASN A 293 9.10 -8.13 -9.42
C ASN A 293 8.11 -9.09 -10.06
N ALA A 294 7.10 -9.53 -9.30
CA ALA A 294 6.09 -10.42 -9.86
C ALA A 294 5.27 -9.73 -10.95
N CYS A 295 4.90 -8.47 -10.73
CA CYS A 295 4.16 -7.73 -11.74
C CYS A 295 5.00 -7.54 -13.00
N LYS A 296 6.29 -7.23 -12.84
CA LYS A 296 7.17 -7.08 -14.00
C LYS A 296 7.34 -8.40 -14.74
N ARG A 297 7.46 -9.51 -14.00
CA ARG A 297 7.56 -10.81 -14.63
C ARG A 297 6.29 -11.16 -15.41
N LEU A 298 5.13 -10.78 -14.86
CA LEU A 298 3.87 -11.07 -15.54
C LEU A 298 3.70 -10.21 -16.79
N ILE A 299 4.12 -8.95 -16.74
CA ILE A 299 3.91 -8.04 -17.86
C ILE A 299 4.91 -8.32 -18.97
N ALA A 300 6.20 -8.44 -18.63
CA ALA A 300 7.23 -8.45 -19.65
C ALA A 300 7.44 -9.84 -20.28
N HIS A 301 7.07 -10.91 -19.58
CA HIS A 301 7.36 -12.25 -20.04
C HIS A 301 6.10 -13.03 -20.40
N ASP A 302 5.19 -13.22 -19.45
CA ASP A 302 4.02 -14.06 -19.72
C ASP A 302 3.08 -13.41 -20.71
N TRP A 303 2.71 -12.14 -20.49
CA TRP A 303 1.79 -11.47 -21.40
C TRP A 303 2.42 -11.23 -22.77
N LEU A 304 3.74 -11.07 -22.83
CA LEU A 304 4.42 -10.88 -24.11
C LEU A 304 4.54 -12.19 -24.88
N ASN A 305 4.81 -13.29 -24.17
CA ASN A 305 4.92 -14.59 -24.82
C ASN A 305 3.56 -15.19 -25.17
N ALA A 306 2.50 -14.75 -24.51
CA ALA A 306 1.17 -15.29 -24.82
C ALA A 306 0.72 -14.89 -26.23
N LEU A 307 1.25 -13.80 -26.76
CA LEU A 307 0.92 -13.35 -28.10
C LEU A 307 1.88 -14.01 -29.10
N ASP A 308 2.44 -13.23 -30.01
CA ASP A 308 3.39 -13.72 -31.00
C ASP A 308 4.74 -13.01 -30.89
N GLY A 309 5.03 -12.43 -29.74
CA GLY A 309 6.28 -11.72 -29.55
C GLY A 309 6.28 -10.29 -30.04
N ASP A 310 5.12 -9.78 -30.47
CA ASP A 310 5.01 -8.41 -30.96
C ASP A 310 4.75 -7.48 -29.79
N LEU A 311 4.81 -6.18 -30.04
CA LEU A 311 4.62 -5.20 -28.96
C LEU A 311 3.44 -4.29 -29.23
N ILE A 312 3.03 -4.16 -30.49
CA ILE A 312 1.89 -3.31 -30.82
C ILE A 312 0.60 -3.88 -30.24
N GLU A 313 0.46 -5.21 -30.28
CA GLU A 313 -0.73 -5.83 -29.69
C GLU A 313 -0.75 -5.66 -28.17
N LEU A 314 0.42 -5.74 -27.53
CA LEU A 314 0.49 -5.51 -26.09
C LEU A 314 0.15 -4.07 -25.74
N LEU A 315 0.60 -3.12 -26.56
CA LEU A 315 0.25 -1.72 -26.34
C LEU A 315 -1.24 -1.47 -26.60
N GLU A 316 -1.84 -2.25 -27.51
CA GLU A 316 -3.26 -2.09 -27.78
C GLU A 316 -4.12 -2.69 -26.67
N LYS A 317 -3.66 -3.78 -26.06
CA LYS A 317 -4.39 -4.35 -24.92
C LYS A 317 -4.47 -3.36 -23.79
N LEU A 318 -3.39 -2.65 -23.52
CA LEU A 318 -3.42 -1.54 -22.57
C LEU A 318 -4.06 -0.32 -23.22
N ASP A 319 -4.46 0.64 -22.38
CA ASP A 319 -5.26 1.75 -22.88
C ASP A 319 -4.38 2.86 -23.46
N VAL A 320 -3.06 2.79 -23.24
CA VAL A 320 -2.08 3.84 -23.52
C VAL A 320 -2.68 5.24 -23.34
N SER A 321 -3.60 5.63 -24.21
CA SER A 321 -4.30 6.89 -24.05
C SER A 321 -5.27 6.81 -22.87
N ARG A 322 -5.67 7.98 -22.37
CA ARG A 322 -6.58 8.08 -21.22
C ARG A 322 -6.02 7.36 -20.00
N SER A 323 -4.68 7.29 -19.91
CA SER A 323 -4.03 6.60 -18.81
C SER A 323 -2.58 7.07 -18.66
N SER A 324 -1.89 6.60 -17.62
CA SER A 324 -0.52 6.98 -17.37
C SER A 324 0.27 5.86 -16.69
N VAL A 325 -0.04 4.61 -17.00
CA VAL A 325 0.67 3.49 -16.39
C VAL A 325 1.67 2.84 -17.33
N CYS A 326 1.44 2.93 -18.65
CA CYS A 326 2.33 2.27 -19.60
C CYS A 326 3.74 2.80 -19.51
N VAL A 327 3.91 4.07 -19.09
CA VAL A 327 5.24 4.64 -18.92
C VAL A 327 6.05 3.83 -17.93
N LYS A 328 5.41 3.28 -16.91
CA LYS A 328 6.10 2.44 -15.93
C LYS A 328 6.06 0.97 -16.30
N ALA A 329 5.35 0.60 -17.37
CA ALA A 329 5.26 -0.79 -17.80
C ALA A 329 6.25 -1.13 -18.92
N ILE A 330 6.19 -0.38 -20.03
CA ILE A 330 7.09 -0.65 -21.15
C ILE A 330 8.54 -0.52 -20.72
N GLU A 331 8.83 0.47 -19.86
CA GLU A 331 10.18 0.60 -19.31
C GLU A 331 10.63 -0.69 -18.63
N ALA A 332 9.74 -1.30 -17.86
CA ALA A 332 10.06 -2.60 -17.25
C ALA A 332 10.35 -3.64 -18.33
N LEU A 333 9.56 -3.63 -19.41
CA LEU A 333 9.81 -4.53 -20.53
C LEU A 333 11.17 -4.26 -21.18
N PHE A 334 11.68 -3.03 -21.06
CA PHE A 334 13.00 -2.70 -21.57
C PHE A 334 14.12 -3.07 -20.61
N GLN A 335 13.79 -3.52 -19.39
CA GLN A 335 14.80 -3.92 -18.42
C GLN A 335 14.93 -5.44 -18.28
N SER A 336 13.98 -6.20 -18.81
CA SER A 336 14.01 -7.66 -18.77
C SER A 336 14.47 -8.29 -20.07
N ARG A 337 13.97 -7.80 -21.21
CA ARG A 337 14.33 -8.31 -22.53
C ARG A 337 14.90 -7.17 -23.36
N PRO A 338 16.23 -7.01 -23.40
CA PRO A 338 16.81 -5.97 -24.27
C PRO A 338 16.86 -6.35 -25.73
N ASP A 339 16.74 -7.65 -26.06
CA ASP A 339 16.86 -8.07 -27.45
C ASP A 339 15.77 -7.46 -28.32
N ILE A 340 14.54 -7.41 -27.80
CA ILE A 340 13.44 -6.79 -28.55
C ILE A 340 13.72 -5.32 -28.78
N LEU A 341 14.57 -4.70 -27.96
CA LEU A 341 14.90 -3.30 -28.17
C LEU A 341 15.72 -3.10 -29.44
N SER A 342 16.22 -4.18 -30.04
CA SER A 342 17.05 -4.09 -31.23
C SER A 342 16.27 -4.35 -32.52
N LYS A 343 15.12 -5.02 -32.45
CA LYS A 343 14.30 -5.29 -33.61
C LYS A 343 13.18 -4.28 -33.81
N ILE A 344 13.41 -3.01 -33.53
CA ILE A 344 12.37 -1.98 -33.57
C ILE A 344 12.91 -0.76 -34.30
N LYS A 345 12.17 -0.30 -35.32
CA LYS A 345 12.62 0.77 -36.21
C LYS A 345 11.46 1.70 -36.51
N PHE A 346 11.79 2.85 -37.12
CA PHE A 346 10.82 3.81 -37.65
C PHE A 346 11.29 4.23 -39.03
N PRO A 347 10.92 3.50 -40.08
CA PRO A 347 11.33 3.87 -41.43
C PRO A 347 10.54 5.07 -41.93
N GLU A 348 10.98 5.59 -43.08
CA GLU A 348 10.32 6.76 -43.67
C GLU A 348 8.93 6.42 -44.18
N SER A 349 8.67 5.14 -44.47
CA SER A 349 7.35 4.74 -44.94
C SER A 349 6.30 4.88 -43.85
N ILE A 350 6.65 4.52 -42.61
CA ILE A 350 5.73 4.65 -41.48
C ILE A 350 5.76 6.08 -40.98
N TRP A 351 5.16 6.99 -41.74
CA TRP A 351 5.04 8.38 -41.35
C TRP A 351 3.76 8.95 -41.96
N LYS A 352 3.30 10.06 -41.37
CA LYS A 352 2.05 10.71 -41.76
C LYS A 352 0.84 9.81 -41.55
N ASP A 353 0.96 8.80 -40.69
CA ASP A 353 -0.13 7.87 -40.41
C ASP A 353 0.06 7.18 -39.08
N PHE A 354 0.56 7.91 -38.08
CA PHE A 354 0.75 7.35 -36.76
C PHE A 354 -0.56 7.15 -36.03
N THR A 355 -0.54 6.21 -35.08
CA THR A 355 -1.60 6.03 -34.10
C THR A 355 -1.07 6.45 -32.73
N VAL A 356 -1.83 6.12 -31.69
CA VAL A 356 -1.38 6.46 -30.34
C VAL A 356 -0.28 5.51 -29.89
N GLU A 357 -0.36 4.23 -30.29
CA GLU A 357 0.62 3.24 -29.85
C GLU A 357 2.00 3.55 -30.41
N ILE A 358 2.08 3.88 -31.70
CA ILE A 358 3.37 4.15 -32.32
C ILE A 358 4.01 5.40 -31.74
N ALA A 359 3.20 6.43 -31.47
CA ALA A 359 3.74 7.66 -30.88
C ALA A 359 4.25 7.41 -29.47
N PHE A 360 3.46 6.72 -28.63
CA PHE A 360 3.92 6.40 -27.29
C PHE A 360 5.18 5.53 -27.34
N LEU A 361 5.24 4.61 -28.30
CA LEU A 361 6.42 3.77 -28.45
C LEU A 361 7.65 4.60 -28.79
N PHE A 362 7.51 5.54 -29.74
CA PHE A 362 8.63 6.39 -30.10
C PHE A 362 9.10 7.20 -28.88
N ARG A 363 8.15 7.77 -28.12
CA ARG A 363 8.51 8.53 -26.94
C ARG A 363 9.27 7.67 -25.93
N ALA A 364 8.76 6.47 -25.66
CA ALA A 364 9.40 5.60 -24.67
C ALA A 364 10.78 5.15 -25.14
N ILE A 365 10.91 4.81 -26.42
CA ILE A 365 12.21 4.43 -26.97
C ILE A 365 13.22 5.56 -26.80
N TYR A 366 12.84 6.78 -27.20
CA TYR A 366 13.78 7.89 -27.11
C TYR A 366 14.16 8.18 -25.66
N LEU A 367 13.19 8.15 -24.76
CA LEU A 367 13.49 8.41 -23.35
C LEU A 367 14.40 7.34 -22.77
N TYR A 368 14.15 6.07 -23.09
CA TYR A 368 14.97 4.99 -22.55
C TYR A 368 16.37 4.99 -23.15
N CYS A 369 16.51 5.42 -24.41
CA CYS A 369 17.83 5.50 -25.01
C CYS A 369 18.61 6.71 -24.53
N LEU A 370 17.93 7.80 -24.17
CA LEU A 370 18.63 8.97 -23.66
C LEU A 370 18.98 8.83 -22.19
N ASP A 371 18.15 8.14 -21.40
CA ASP A 371 18.45 7.98 -19.99
C ASP A 371 19.67 7.09 -19.77
N ASN A 372 19.98 6.22 -20.72
CA ASN A 372 21.13 5.35 -20.63
C ASN A 372 22.24 5.88 -21.55
N ASN A 373 23.04 4.98 -22.11
CA ASN A 373 24.15 5.33 -22.99
C ASN A 373 24.10 4.53 -24.28
N ILE A 374 22.90 4.11 -24.68
CA ILE A 374 22.71 3.33 -25.91
C ILE A 374 22.82 4.33 -27.07
N THR A 375 24.04 4.58 -27.51
CA THR A 375 24.27 5.57 -28.57
C THR A 375 24.09 4.99 -29.96
N GLU A 376 24.32 3.69 -30.13
CA GLU A 376 24.18 3.06 -31.44
C GLU A 376 22.79 3.28 -32.00
N MET A 377 21.76 2.95 -31.20
CA MET A 377 20.39 3.22 -31.60
C MET A 377 20.14 4.72 -31.76
N LEU A 378 20.81 5.53 -30.94
CA LEU A 378 20.63 6.98 -31.02
C LEU A 378 21.03 7.53 -32.39
N GLU A 379 22.10 7.01 -32.98
CA GLU A 379 22.51 7.47 -34.30
C GLU A 379 22.03 6.60 -35.45
N GLU A 380 21.40 5.46 -35.19
CA GLU A 380 20.92 4.62 -36.28
C GLU A 380 19.40 4.46 -36.33
N ASN A 381 18.66 5.09 -35.43
CA ASN A 381 17.21 4.94 -35.39
C ASN A 381 16.47 6.28 -35.49
N PHE A 382 16.81 7.24 -34.63
CA PHE A 382 16.03 8.46 -34.56
C PHE A 382 16.43 9.42 -35.67
N PRO A 383 15.48 10.17 -36.23
CA PRO A 383 15.80 11.08 -37.32
C PRO A 383 16.45 12.37 -36.84
N GLU A 384 16.44 13.39 -37.69
CA GLU A 384 17.03 14.68 -37.35
C GLU A 384 15.96 15.62 -36.80
N ALA A 385 16.42 16.79 -36.32
CA ALA A 385 15.50 17.77 -35.75
C ALA A 385 14.70 18.49 -36.84
N SER A 386 15.32 18.76 -37.98
CA SER A 386 14.63 19.45 -39.07
C SER A 386 13.49 18.61 -39.63
N LYS A 387 13.61 17.28 -39.56
CA LYS A 387 12.55 16.39 -40.02
C LYS A 387 11.47 16.21 -38.95
N LEU A 388 11.86 16.11 -37.68
CA LEU A 388 10.87 15.98 -36.61
C LEU A 388 10.02 17.24 -36.50
N SER A 389 10.63 18.42 -36.75
CA SER A 389 9.87 19.65 -36.74
C SER A 389 8.78 19.64 -37.81
N GLU A 390 9.11 19.20 -39.01
CA GLU A 390 8.12 19.11 -40.08
C GLU A 390 7.05 18.08 -39.76
N HIS A 391 7.46 16.94 -39.19
CA HIS A 391 6.48 15.91 -38.85
C HIS A 391 5.52 16.37 -37.76
N LEU A 392 6.00 17.23 -36.85
CA LEU A 392 5.11 17.79 -35.83
C LEU A 392 4.21 18.86 -36.42
N ASN A 393 4.76 19.71 -37.29
CA ASN A 393 3.96 20.76 -37.91
C ASN A 393 2.86 20.16 -38.78
N HIS A 394 3.10 19.00 -39.38
CA HIS A 394 2.07 18.35 -40.19
C HIS A 394 0.83 18.03 -39.35
N TYR A 395 1.04 17.38 -38.20
CA TYR A 395 -0.09 17.07 -37.33
C TYR A 395 -0.70 18.33 -36.73
N ILE A 396 0.12 19.34 -36.43
CA ILE A 396 -0.43 20.61 -35.93
C ILE A 396 -1.35 21.23 -36.96
N LEU A 397 -0.97 21.20 -38.23
CA LEU A 397 -1.81 21.75 -39.29
C LEU A 397 -3.07 20.91 -39.48
N LEU A 398 -2.95 19.58 -39.37
CA LEU A 398 -4.13 18.73 -39.49
C LEU A 398 -5.12 18.99 -38.37
N ARG A 399 -4.62 19.29 -37.17
CA ARG A 399 -5.51 19.46 -36.03
C ARG A 399 -6.11 20.86 -35.97
N TYR A 400 -5.26 21.89 -35.91
CA TYR A 400 -5.70 23.24 -35.63
C TYR A 400 -5.84 24.12 -36.88
N HIS A 401 -5.70 23.53 -38.07
CA HIS A 401 -5.83 24.30 -39.29
C HIS A 401 -6.54 23.57 -40.42
N HIS A 402 -7.04 22.36 -40.18
CA HIS A 402 -7.76 21.61 -41.21
C HIS A 402 -8.93 20.83 -40.62
N PHE A 413 -8.98 10.75 -38.73
CA PHE A 413 -8.21 11.11 -37.54
C PHE A 413 -9.05 11.95 -36.57
N ASP A 414 -9.30 11.39 -35.38
CA ASP A 414 -10.05 12.12 -34.37
C ASP A 414 -9.18 13.20 -33.75
N TYR A 415 -9.84 14.12 -33.02
CA TYR A 415 -9.11 15.22 -32.39
C TYR A 415 -8.26 14.73 -31.22
N ASN A 416 -8.79 13.79 -30.43
CA ASN A 416 -8.04 13.28 -29.29
C ASN A 416 -6.80 12.53 -29.74
N THR A 417 -6.91 11.74 -30.81
CA THR A 417 -5.74 11.02 -31.31
C THR A 417 -4.66 11.99 -31.79
N LEU A 418 -5.06 13.03 -32.52
CA LEU A 418 -4.08 14.01 -32.99
C LEU A 418 -3.44 14.76 -31.83
N GLU A 419 -4.23 15.12 -30.82
CA GLU A 419 -3.67 15.80 -29.66
C GLU A 419 -2.68 14.90 -28.92
N PHE A 420 -3.01 13.62 -28.78
CA PHE A 420 -2.09 12.69 -28.11
C PHE A 420 -0.81 12.53 -28.92
N ILE A 421 -0.92 12.44 -30.25
CA ILE A 421 0.27 12.30 -31.08
C ILE A 421 1.16 13.54 -30.96
N ILE A 422 0.54 14.73 -31.00
CA ILE A 422 1.32 15.97 -30.88
C ILE A 422 1.98 16.05 -29.51
N GLU A 423 1.26 15.63 -28.46
CA GLU A 423 1.84 15.66 -27.12
C GLU A 423 3.03 14.71 -27.00
N GLN A 424 2.90 13.50 -27.56
CA GLN A 424 4.01 12.54 -27.51
C GLN A 424 5.21 13.05 -28.29
N LEU A 425 4.97 13.63 -29.48
CA LEU A 425 6.08 14.16 -30.27
C LEU A 425 6.75 15.32 -29.56
N SER A 426 5.97 16.18 -28.88
CA SER A 426 6.56 17.29 -28.15
C SER A 426 7.36 16.80 -26.95
N ILE A 427 6.87 15.78 -26.26
CA ILE A 427 7.62 15.21 -25.14
C ILE A 427 8.94 14.61 -25.65
N ALA A 428 8.90 13.94 -26.80
CA ALA A 428 10.12 13.38 -27.36
C ALA A 428 11.09 14.45 -27.82
N ALA A 429 10.58 15.57 -28.32
CA ALA A 429 11.44 16.64 -28.82
C ALA A 429 11.95 17.56 -27.73
N GLU A 430 11.31 17.57 -26.55
CA GLU A 430 11.77 18.43 -25.46
C GLU A 430 13.17 18.06 -24.99
N ARG A 431 13.54 16.78 -25.04
CA ARG A 431 14.86 16.31 -24.64
C ARG A 431 15.69 15.91 -25.85
N TYR A 432 15.54 16.63 -26.95
CA TYR A 432 16.21 16.30 -28.20
C TYR A 432 17.54 17.03 -28.30
N ASP A 433 18.50 16.40 -28.96
CA ASP A 433 19.83 16.99 -29.13
C ASP A 433 19.76 18.04 -30.24
N TYR A 434 19.91 19.30 -29.86
CA TYR A 434 19.82 20.42 -30.81
C TYR A 434 21.18 21.03 -31.08
N SER A 435 22.11 20.23 -31.60
CA SER A 435 23.45 20.73 -31.89
C SER A 435 23.45 21.61 -33.14
N ASP A 436 22.64 21.25 -34.14
CA ASP A 436 22.57 22.04 -35.36
C ASP A 436 21.71 23.28 -35.15
N GLU A 437 21.96 24.30 -35.97
CA GLU A 437 21.23 25.56 -35.89
C GLU A 437 19.99 25.59 -36.76
N VAL A 438 20.03 24.96 -37.93
CA VAL A 438 18.87 24.96 -38.81
C VAL A 438 17.69 24.24 -38.17
N GLY A 439 17.94 23.04 -37.63
CA GLY A 439 16.88 22.31 -36.95
C GLY A 439 16.38 23.03 -35.71
N ARG A 440 17.29 23.67 -34.97
CA ARG A 440 16.87 24.44 -33.80
C ARG A 440 15.95 25.58 -34.18
N ARG A 441 16.31 26.33 -35.24
CA ARG A 441 15.47 27.43 -35.68
C ARG A 441 14.13 26.91 -36.22
N SER A 442 14.15 25.77 -36.90
CA SER A 442 12.90 25.20 -37.41
C SER A 442 11.96 24.81 -36.27
N MET A 443 12.49 24.11 -35.26
CA MET A 443 11.67 23.74 -34.11
C MET A 443 11.20 24.97 -33.35
N LEU A 444 12.03 26.01 -33.28
CA LEU A 444 11.62 27.24 -32.62
C LEU A 444 10.45 27.88 -33.35
N THR A 445 10.55 28.00 -34.67
CA THR A 445 9.44 28.55 -35.45
C THR A 445 8.18 27.70 -35.27
N VAL A 446 8.34 26.38 -35.22
CA VAL A 446 7.19 25.50 -35.06
C VAL A 446 6.51 25.75 -33.71
N VAL A 447 7.30 25.89 -32.64
CA VAL A 447 6.67 26.06 -31.33
C VAL A 447 6.06 27.46 -31.20
N ARG A 448 6.65 28.47 -31.84
CA ARG A 448 6.00 29.78 -31.87
C ARG A 448 4.65 29.70 -32.59
N ASN A 449 4.63 29.09 -33.78
CA ASN A 449 3.37 28.99 -34.52
C ASN A 449 2.35 28.12 -33.79
N MET A 450 2.81 27.20 -32.94
CA MET A 450 1.88 26.39 -32.16
C MET A 450 1.31 27.14 -30.97
N LEU A 451 2.17 27.79 -30.19
CA LEU A 451 1.72 28.53 -29.01
C LEU A 451 1.02 29.84 -29.36
N ALA A 452 1.12 30.30 -30.61
CA ALA A 452 0.42 31.51 -31.01
C ALA A 452 -1.08 31.30 -31.22
N LEU A 453 -1.58 30.08 -31.03
CA LEU A 453 -2.98 29.79 -31.22
C LEU A 453 -3.76 29.99 -29.92
N THR A 454 -5.09 30.07 -30.06
CA THR A 454 -5.97 30.24 -28.91
C THR A 454 -6.81 29.00 -28.61
N THR A 455 -6.83 28.02 -29.51
CA THR A 455 -7.59 26.80 -29.30
C THR A 455 -6.76 25.74 -28.55
N LEU A 456 -5.44 25.94 -28.48
CA LEU A 456 -4.55 24.97 -27.85
C LEU A 456 -5.00 24.62 -26.44
N SER A 457 -4.82 23.37 -26.05
CA SER A 457 -5.21 22.88 -24.75
C SER A 457 -4.12 23.14 -23.71
N GLU A 458 -4.44 22.83 -22.44
CA GLU A 458 -3.50 23.11 -21.37
C GLU A 458 -2.27 22.21 -21.40
N PRO A 459 -2.39 20.88 -21.54
CA PRO A 459 -1.17 20.07 -21.61
C PRO A 459 -0.30 20.41 -22.80
N LEU A 460 -0.90 20.73 -23.94
CA LEU A 460 -0.13 21.14 -25.11
C LEU A 460 0.60 22.45 -24.84
N ILE A 461 -0.05 23.40 -24.17
CA ILE A 461 0.61 24.64 -23.80
C ILE A 461 1.79 24.38 -22.87
N LYS A 462 1.59 23.48 -21.90
CA LYS A 462 2.66 23.18 -20.95
C LYS A 462 3.86 22.55 -21.66
N ILE A 463 3.61 21.55 -22.51
CA ILE A 463 4.72 20.89 -23.18
C ILE A 463 5.37 21.82 -24.20
N GLY A 464 4.60 22.75 -24.78
CA GLY A 464 5.20 23.74 -25.65
C GLY A 464 6.10 24.70 -24.90
N ILE A 465 5.69 25.10 -23.69
CA ILE A 465 6.56 25.93 -22.86
C ILE A 465 7.83 25.19 -22.50
N ARG A 466 7.72 23.89 -22.21
CA ARG A 466 8.91 23.08 -21.92
C ARG A 466 9.85 23.05 -23.11
N VAL A 467 9.32 22.75 -24.31
CA VAL A 467 10.16 22.69 -25.50
C VAL A 467 10.77 24.05 -25.80
N MET A 468 10.02 25.12 -25.55
CA MET A 468 10.55 26.47 -25.77
C MET A 468 11.69 26.77 -24.82
N LYS A 469 11.56 26.38 -23.55
CA LYS A 469 12.66 26.54 -22.61
C LYS A 469 13.86 25.71 -23.04
N SER A 470 13.63 24.54 -23.63
CA SER A 470 14.72 23.72 -24.12
C SER A 470 15.35 24.28 -25.40
N LEU A 471 14.68 25.23 -26.06
CA LEU A 471 15.16 25.81 -27.31
C LEU A 471 15.66 27.23 -27.13
N SER A 472 16.15 27.58 -25.94
CA SER A 472 16.62 28.93 -25.65
C SER A 472 18.09 28.89 -25.27
N ILE A 473 18.78 30.00 -25.57
CA ILE A 473 20.20 30.11 -25.23
C ILE A 473 20.37 30.38 -23.75
N ASN A 474 19.65 31.36 -23.21
CA ASN A 474 19.74 31.71 -21.81
C ASN A 474 18.34 32.01 -21.28
N GLU A 475 18.28 32.56 -20.07
CA GLU A 475 17.01 32.90 -19.45
C GLU A 475 16.44 34.23 -19.93
N LYS A 476 17.25 35.05 -20.60
CA LYS A 476 16.82 36.34 -21.10
C LYS A 476 16.13 36.26 -22.47
N ASP A 477 15.87 35.06 -22.96
CA ASP A 477 15.26 34.88 -24.27
C ASP A 477 13.90 34.20 -24.22
N PHE A 478 13.78 33.11 -23.45
CA PHE A 478 12.50 32.44 -23.32
C PHE A 478 11.46 33.33 -22.65
N VAL A 479 11.87 34.07 -21.63
CA VAL A 479 10.96 35.00 -20.96
C VAL A 479 10.49 36.08 -21.92
N THR A 480 11.42 36.62 -22.72
CA THR A 480 11.05 37.66 -23.68
C THR A 480 10.09 37.12 -24.73
N MET A 481 10.34 35.91 -25.22
CA MET A 481 9.45 35.31 -26.22
C MET A 481 8.05 35.08 -25.65
N ALA A 482 7.98 34.56 -24.41
CA ALA A 482 6.67 34.31 -23.82
C ALA A 482 5.92 35.61 -23.57
N ILE A 483 6.61 36.64 -23.08
CA ILE A 483 5.98 37.94 -22.87
C ILE A 483 5.50 38.51 -24.20
N GLU A 484 6.29 38.32 -25.26
CA GLU A 484 5.89 38.80 -26.58
C GLU A 484 4.64 38.09 -27.06
N ILE A 485 4.56 36.78 -26.85
CA ILE A 485 3.36 36.03 -27.27
C ILE A 485 2.14 36.50 -26.51
N ILE A 486 2.28 36.69 -25.19
CA ILE A 486 1.15 37.13 -24.38
C ILE A 486 0.69 38.52 -24.81
N ASN A 487 1.64 39.42 -25.03
CA ASN A 487 1.29 40.78 -25.46
C ASN A 487 0.67 40.78 -26.84
N ASP A 488 1.13 39.90 -27.74
CA ASP A 488 0.51 39.81 -29.06
C ASP A 488 -0.93 39.32 -28.97
N ILE A 489 -1.19 38.33 -28.11
CA ILE A 489 -2.56 37.86 -27.93
C ILE A 489 -3.44 38.98 -27.39
N ARG A 490 -2.97 39.68 -26.37
CA ARG A 490 -3.74 40.77 -25.78
C ARG A 490 -4.00 41.88 -26.80
N ASP A 491 -2.98 42.25 -27.57
CA ASP A 491 -3.13 43.31 -28.56
C ASP A 491 -4.06 42.89 -29.69
N ASP A 492 -4.02 41.61 -30.08
CA ASP A 492 -4.94 41.14 -31.11
C ASP A 492 -6.37 41.20 -30.63
N ASP A 493 -6.63 40.80 -29.38
CA ASP A 493 -7.97 40.89 -28.84
C ASP A 493 -8.43 42.35 -28.79
N ILE A 494 -7.54 43.24 -28.31
CA ILE A 494 -7.88 44.65 -28.21
C ILE A 494 -8.19 45.24 -29.58
N GLU A 495 -7.39 44.88 -30.59
CA GLU A 495 -7.60 45.41 -31.94
C GLU A 495 -8.89 44.88 -32.54
N LYS A 496 -9.20 43.59 -32.31
CA LYS A 496 -10.46 43.05 -32.80
C LYS A 496 -11.65 43.76 -32.16
N GLN A 497 -11.56 44.02 -30.85
CA GLN A 497 -12.65 44.73 -30.17
C GLN A 497 -12.79 46.15 -30.70
N GLU A 498 -11.67 46.84 -30.90
CA GLU A 498 -11.73 48.21 -31.41
C GLU A 498 -12.27 48.25 -32.83
N GLN A 499 -11.97 47.22 -33.64
CA GLN A 499 -12.48 47.19 -35.00
C GLN A 499 -13.98 46.89 -35.02
N GLU A 500 -14.43 45.96 -34.17
CA GLU A 500 -15.86 45.65 -34.11
C GLU A 500 -16.65 46.76 -33.44
N GLU A 501 -15.99 47.65 -32.69
CA GLU A 501 -16.71 48.77 -32.07
C GLU A 501 -17.30 49.71 -33.11
N LYS A 502 -16.69 49.78 -34.29
CA LYS A 502 -17.21 50.68 -35.33
C LYS A 502 -18.56 50.21 -35.84
N ILE A 503 -18.60 49.07 -36.52
CA ILE A 503 -19.85 48.53 -37.05
C ILE A 503 -20.68 47.92 -35.92
N LYS A 568 -11.01 48.99 -24.18
CA LYS A 568 -9.73 49.13 -23.49
C LYS A 568 -9.56 48.04 -22.43
N GLU A 569 -10.41 47.03 -22.50
CA GLU A 569 -10.37 45.90 -21.57
C GLU A 569 -10.67 44.62 -22.32
N ALA A 570 -9.81 43.62 -22.16
CA ALA A 570 -10.00 42.35 -22.85
C ALA A 570 -11.10 41.54 -22.17
N SER A 571 -11.52 40.48 -22.86
CA SER A 571 -12.57 39.61 -22.32
C SER A 571 -11.99 38.70 -21.23
N SER A 572 -12.88 37.94 -20.60
CA SER A 572 -12.44 37.05 -19.52
C SER A 572 -11.64 35.87 -20.07
N ALA A 573 -12.04 35.33 -21.22
CA ALA A 573 -11.33 34.18 -21.78
C ALA A 573 -9.90 34.55 -22.15
N THR A 574 -9.70 35.76 -22.68
CA THR A 574 -8.35 36.19 -23.03
C THR A 574 -7.47 36.27 -21.78
N ILE A 575 -8.00 36.83 -20.69
CA ILE A 575 -7.25 36.90 -19.44
C ILE A 575 -6.95 35.51 -18.92
N VAL A 576 -7.90 34.58 -19.08
CA VAL A 576 -7.69 33.20 -18.63
C VAL A 576 -6.54 32.57 -19.40
N LEU A 577 -6.55 32.69 -20.73
CA LEU A 577 -5.48 32.11 -21.53
C LEU A 577 -4.14 32.76 -21.22
N CYS A 578 -4.12 34.08 -21.03
CA CYS A 578 -2.87 34.78 -20.73
C CYS A 578 -2.30 34.33 -19.39
N LEU A 579 -3.15 34.20 -18.37
CA LEU A 579 -2.67 33.76 -17.07
C LEU A 579 -2.22 32.30 -17.11
N THR A 580 -2.92 31.47 -17.88
CA THR A 580 -2.50 30.07 -18.02
C THR A 580 -1.13 29.98 -18.69
N ARG A 581 -0.91 30.80 -19.73
CA ARG A 581 0.38 30.78 -20.40
C ARG A 581 1.48 31.41 -19.54
N SER A 582 1.13 32.34 -18.66
CA SER A 582 2.13 32.99 -17.83
C SER A 582 2.52 32.13 -16.62
N SER A 583 1.61 31.27 -16.14
CA SER A 583 1.93 30.42 -15.01
C SER A 583 3.08 29.47 -15.33
N TYR A 584 2.99 28.79 -16.49
CA TYR A 584 4.04 27.87 -16.89
C TYR A 584 5.35 28.59 -17.20
N MET A 585 5.28 29.84 -17.64
CA MET A 585 6.50 30.62 -17.86
C MET A 585 7.16 30.99 -16.54
N LEU A 586 6.36 31.42 -15.56
CA LEU A 586 6.91 31.78 -14.26
C LEU A 586 7.41 30.55 -13.51
N GLU A 587 6.86 29.38 -13.81
CA GLU A 587 7.32 28.15 -13.16
C GLU A 587 8.73 27.74 -13.57
N LEU A 588 9.36 28.44 -14.52
CA LEU A 588 10.70 28.08 -14.99
C LEU A 588 11.67 29.25 -14.89
N VAL A 589 11.38 30.24 -14.05
CA VAL A 589 12.24 31.40 -13.86
C VAL A 589 12.90 31.30 -12.49
N ASN A 590 14.23 31.35 -12.47
CA ASN A 590 15.01 31.26 -11.24
C ASN A 590 16.06 32.37 -11.20
N THR A 591 15.58 33.62 -11.18
CA THR A 591 16.46 34.78 -11.14
C THR A 591 15.72 35.91 -10.44
N PRO A 592 16.45 36.83 -9.80
CA PRO A 592 15.81 37.99 -9.17
C PRO A 592 14.84 38.69 -10.10
N LEU A 593 13.80 39.28 -9.51
CA LEU A 593 12.81 40.01 -10.28
C LEU A 593 13.35 41.34 -10.79
N THR A 594 14.41 41.88 -10.18
CA THR A 594 14.96 43.15 -10.62
C THR A 594 15.55 43.05 -12.02
N GLU A 595 16.17 41.91 -12.34
CA GLU A 595 16.79 41.76 -13.65
C GLU A 595 15.77 41.61 -14.78
N ASN A 596 14.50 41.38 -14.44
CA ASN A 596 13.44 41.19 -15.44
C ASN A 596 12.42 42.31 -15.27
N ILE A 597 12.47 43.29 -16.17
CA ILE A 597 11.49 44.37 -16.13
C ILE A 597 10.19 43.99 -16.84
N LEU A 598 10.25 43.02 -17.76
CA LEU A 598 9.04 42.59 -18.45
C LEU A 598 8.07 41.93 -17.49
N ILE A 599 8.58 41.12 -16.56
CA ILE A 599 7.71 40.53 -15.54
C ILE A 599 7.17 41.61 -14.61
N ALA A 600 8.00 42.62 -14.31
CA ALA A 600 7.53 43.73 -13.48
C ALA A 600 6.41 44.50 -14.16
N SER A 601 6.43 44.61 -15.48
CA SER A 601 5.34 45.26 -16.19
C SER A 601 4.11 44.37 -16.25
N LEU A 602 4.30 43.08 -16.52
CA LEU A 602 3.19 42.14 -16.58
C LEU A 602 2.51 42.02 -15.21
N MET A 603 3.23 42.33 -14.13
CA MET A 603 2.63 42.33 -12.81
C MET A 603 1.46 43.30 -12.72
N ASP A 604 1.74 44.60 -12.88
CA ASP A 604 0.70 45.61 -12.78
C ASP A 604 -0.09 45.77 -14.06
N THR A 605 0.22 45.01 -15.11
CA THR A 605 -0.55 45.07 -16.34
C THR A 605 -1.56 43.92 -16.45
N LEU A 606 -1.28 42.78 -15.82
CA LEU A 606 -2.13 41.60 -15.95
C LEU A 606 -2.42 40.93 -14.62
N ILE A 607 -1.40 40.63 -13.83
CA ILE A 607 -1.61 39.85 -12.61
C ILE A 607 -2.30 40.67 -11.54
N THR A 608 -1.77 41.87 -11.26
CA THR A 608 -2.33 42.70 -10.20
C THR A 608 -3.78 43.12 -10.46
N PRO A 609 -4.18 43.55 -11.67
CA PRO A 609 -5.61 43.82 -11.88
C PRO A 609 -6.47 42.57 -11.78
N ALA A 610 -5.92 41.39 -12.08
CA ALA A 610 -6.70 40.17 -12.02
C ALA A 610 -6.81 39.59 -10.62
N VAL A 611 -5.94 40.02 -9.70
CA VAL A 611 -6.01 39.53 -8.32
C VAL A 611 -7.35 39.91 -7.69
N ARG A 612 -7.75 41.16 -7.86
CA ARG A 612 -9.00 41.67 -7.28
C ARG A 612 -10.16 41.57 -8.26
N ASN A 613 -10.27 40.46 -8.98
CA ASN A 613 -11.35 40.25 -9.93
C ASN A 613 -12.53 39.55 -9.26
N THR A 614 -13.72 39.75 -9.82
CA THR A 614 -14.92 39.16 -9.26
C THR A 614 -15.02 37.67 -9.58
N ALA A 615 -14.63 37.26 -10.78
CA ALA A 615 -14.73 35.87 -11.17
C ALA A 615 -13.81 35.00 -10.30
N PRO A 616 -14.23 33.79 -9.93
CA PRO A 616 -13.39 32.97 -9.04
C PRO A 616 -12.17 32.38 -9.73
N ASN A 617 -12.31 31.94 -10.99
CA ASN A 617 -11.18 31.33 -11.68
C ASN A 617 -10.10 32.36 -12.01
N ILE A 618 -10.50 33.56 -12.43
CA ILE A 618 -9.53 34.63 -12.66
C ILE A 618 -8.81 34.98 -11.36
N ARG A 619 -9.56 35.03 -10.25
CA ARG A 619 -8.94 35.32 -8.96
C ARG A 619 -7.95 34.23 -8.56
N GLU A 620 -8.29 32.97 -8.79
CA GLU A 620 -7.40 31.87 -8.45
C GLU A 620 -6.12 31.93 -9.28
N LEU A 621 -6.27 32.15 -10.58
CA LEU A 621 -5.08 32.26 -11.44
C LEU A 621 -4.22 33.45 -11.07
N GLY A 622 -4.85 34.57 -10.70
CA GLY A 622 -4.10 35.72 -10.27
C GLY A 622 -3.33 35.48 -8.98
N VAL A 623 -3.96 34.77 -8.04
CA VAL A 623 -3.28 34.44 -6.80
C VAL A 623 -2.11 33.50 -7.06
N LYS A 624 -2.30 32.54 -7.98
CA LYS A 624 -1.20 31.63 -8.32
C LYS A 624 -0.04 32.38 -8.96
N ASN A 625 -0.33 33.30 -9.87
CA ASN A 625 0.73 34.08 -10.50
C ASN A 625 1.42 34.98 -9.49
N LEU A 626 0.65 35.59 -8.59
CA LEU A 626 1.24 36.43 -7.55
C LEU A 626 2.16 35.64 -6.65
N GLY A 627 1.78 34.40 -6.32
CA GLY A 627 2.67 33.55 -5.54
C GLY A 627 3.93 33.18 -6.30
N LEU A 628 3.79 32.77 -7.56
CA LEU A 628 4.95 32.43 -8.37
C LEU A 628 5.89 33.61 -8.55
N CYS A 629 5.37 34.83 -8.48
CA CYS A 629 6.22 36.02 -8.53
C CYS A 629 6.82 36.38 -7.16
N CYS A 630 6.08 36.12 -6.08
CA CYS A 630 6.63 36.37 -4.74
C CYS A 630 7.77 35.42 -4.44
N LEU A 631 7.72 34.20 -4.98
CA LEU A 631 8.88 33.31 -4.89
C LEU A 631 9.98 33.70 -5.87
N LEU A 632 10.20 35.01 -6.05
CA LEU A 632 11.29 35.52 -6.88
C LEU A 632 11.85 36.80 -6.29
N ASP A 633 10.97 37.61 -5.68
CA ASP A 633 11.37 38.86 -5.06
C ASP A 633 10.88 38.87 -3.61
N VAL A 634 11.64 39.53 -2.74
CA VAL A 634 11.30 39.54 -1.32
C VAL A 634 10.40 40.72 -0.95
N LYS A 635 10.54 41.87 -1.63
CA LYS A 635 9.71 43.01 -1.32
C LYS A 635 8.26 42.77 -1.71
N LEU A 636 8.03 42.20 -2.90
CA LEU A 636 6.69 41.85 -3.31
C LEU A 636 6.08 40.77 -2.41
N ALA A 637 6.92 39.89 -1.86
CA ALA A 637 6.41 38.89 -0.94
C ALA A 637 6.02 39.50 0.40
N ILE A 638 6.80 40.48 0.86
CA ILE A 638 6.46 41.15 2.12
C ILE A 638 5.20 41.98 1.96
N ASP A 639 5.07 42.69 0.84
CA ASP A 639 3.92 43.58 0.64
C ASP A 639 2.63 42.82 0.32
N ASN A 640 2.71 41.53 -0.01
CA ASN A 640 1.54 40.74 -0.39
C ASN A 640 1.40 39.57 0.58
N MET A 641 0.89 39.86 1.77
CA MET A 641 0.58 38.83 2.76
C MET A 641 -0.77 39.01 3.43
N TYR A 642 -1.21 40.23 3.71
CA TYR A 642 -2.53 40.43 4.30
C TYR A 642 -3.63 39.98 3.33
N ILE A 643 -3.43 40.18 2.04
CA ILE A 643 -4.43 39.74 1.06
C ILE A 643 -4.51 38.22 1.04
N LEU A 644 -3.38 37.54 1.17
CA LEU A 644 -3.40 36.08 1.22
C LEU A 644 -4.05 35.59 2.51
N GLY A 645 -3.79 36.27 3.63
CA GLY A 645 -4.45 35.92 4.88
C GLY A 645 -5.96 36.08 4.79
N MET A 646 -6.41 37.17 4.16
CA MET A 646 -7.85 37.37 3.98
C MET A 646 -8.44 36.36 3.00
N CYS A 647 -7.66 35.94 2.00
CA CYS A 647 -8.13 34.92 1.07
C CYS A 647 -8.30 33.58 1.77
N VAL A 648 -7.37 33.24 2.67
CA VAL A 648 -7.52 31.99 3.43
C VAL A 648 -8.68 32.09 4.40
N SER A 649 -8.81 33.23 5.09
CA SER A 649 -9.88 33.39 6.07
C SER A 649 -11.24 33.49 5.39
N LYS A 650 -11.32 34.24 4.30
CA LYS A 650 -12.57 34.44 3.57
C LYS A 650 -12.33 34.05 2.11
N GLY A 651 -12.95 32.96 1.68
CA GLY A 651 -12.80 32.50 0.31
C GLY A 651 -13.35 31.11 0.15
N ASN A 652 -13.42 30.68 -1.11
CA ASN A 652 -13.91 29.37 -1.45
C ASN A 652 -12.84 28.30 -1.16
N ALA A 653 -13.14 27.06 -1.53
CA ALA A 653 -12.21 25.96 -1.25
C ALA A 653 -10.94 26.10 -2.06
N SER A 654 -11.06 26.31 -3.37
CA SER A 654 -9.88 26.41 -4.22
C SER A 654 -9.05 27.65 -3.90
N LEU A 655 -9.71 28.75 -3.53
CA LEU A 655 -8.98 29.96 -3.17
C LEU A 655 -8.12 29.74 -1.93
N LYS A 656 -8.71 29.16 -0.88
CA LYS A 656 -7.94 28.84 0.33
C LYS A 656 -6.84 27.84 0.02
N TYR A 657 -7.12 26.86 -0.84
CA TYR A 657 -6.12 25.88 -1.26
C TYR A 657 -4.89 26.59 -1.84
N ILE A 658 -5.11 27.40 -2.88
CA ILE A 658 -4.01 28.04 -3.57
C ILE A 658 -3.30 29.04 -2.66
N ALA A 659 -4.05 29.76 -1.83
CA ALA A 659 -3.43 30.76 -0.96
C ALA A 659 -2.58 30.10 0.11
N LEU A 660 -3.04 28.98 0.68
CA LEU A 660 -2.24 28.26 1.66
C LEU A 660 -0.99 27.69 1.02
N GLN A 661 -1.10 27.15 -0.20
CA GLN A 661 0.09 26.68 -0.90
C GLN A 661 1.08 27.82 -1.13
N VAL A 662 0.58 28.98 -1.53
CA VAL A 662 1.45 30.13 -1.79
C VAL A 662 2.16 30.57 -0.51
N ILE A 663 1.42 30.61 0.61
CA ILE A 663 2.03 31.02 1.87
C ILE A 663 3.09 30.02 2.30
N VAL A 664 2.81 28.73 2.17
CA VAL A 664 3.77 27.71 2.56
C VAL A 664 5.02 27.80 1.70
N ASP A 665 4.86 28.02 0.39
CA ASP A 665 6.02 28.15 -0.49
C ASP A 665 6.82 29.41 -0.18
N ILE A 666 6.14 30.51 0.16
CA ILE A 666 6.84 31.74 0.52
C ILE A 666 7.67 31.53 1.78
N PHE A 667 7.08 30.90 2.79
CA PHE A 667 7.83 30.62 4.02
C PHE A 667 8.96 29.62 3.78
N SER A 668 8.80 28.70 2.84
CA SER A 668 9.87 27.74 2.55
C SER A 668 11.03 28.38 1.79
N VAL A 669 10.74 29.29 0.87
CA VAL A 669 11.78 29.93 0.08
C VAL A 669 12.48 31.00 0.91
N HIS A 670 11.71 32.00 1.37
CA HIS A 670 12.31 33.09 2.14
C HIS A 670 12.54 32.68 3.59
N GLY A 671 11.53 32.86 4.43
CA GLY A 671 11.64 32.49 5.83
C GLY A 671 10.95 33.46 6.76
N ASN A 672 11.61 33.81 7.86
CA ASN A 672 11.07 34.73 8.85
C ASN A 672 11.29 36.19 8.48
N THR A 673 11.82 36.46 7.29
CA THR A 673 12.03 37.83 6.84
C THR A 673 10.73 38.56 6.53
N VAL A 674 9.74 37.86 5.96
CA VAL A 674 8.48 38.48 5.59
C VAL A 674 7.58 38.80 6.78
N VAL A 675 8.01 38.47 7.99
CA VAL A 675 7.23 38.73 9.20
C VAL A 675 8.12 39.41 10.23
N ASP A 676 7.47 39.97 11.25
CA ASP A 676 8.14 40.62 12.37
C ASP A 676 9.04 41.76 11.90
N GLY A 677 8.47 42.94 11.73
CA GLY A 677 9.25 44.09 11.30
C GLY A 677 8.35 45.29 11.10
N GLU A 678 8.97 46.39 10.65
CA GLU A 678 8.23 47.62 10.41
C GLU A 678 7.41 47.49 9.12
N GLY A 679 6.09 47.62 9.25
CA GLY A 679 5.23 47.48 8.10
C GLY A 679 5.08 46.06 7.59
N LYS A 680 5.20 45.07 8.48
CA LYS A 680 5.10 43.66 8.10
C LYS A 680 4.00 43.00 8.91
N VAL A 681 3.52 41.87 8.39
CA VAL A 681 2.44 41.13 9.04
C VAL A 681 3.01 40.33 10.20
N ASP A 682 2.33 40.41 11.35
CA ASP A 682 2.79 39.70 12.53
C ASP A 682 2.58 38.20 12.38
N SER A 683 3.24 37.43 13.24
CA SER A 683 3.17 35.98 13.20
C SER A 683 1.96 35.43 13.94
N ILE A 684 1.40 36.20 14.89
CA ILE A 684 0.25 35.70 15.65
C ILE A 684 -0.96 35.52 14.75
N SER A 685 -1.17 36.44 13.82
CA SER A 685 -2.30 36.32 12.90
C SER A 685 -2.16 35.08 12.01
N LEU A 686 -0.96 34.83 11.50
CA LEU A 686 -0.74 33.65 10.67
C LEU A 686 -0.90 32.37 11.48
N HIS A 687 -0.44 32.37 12.74
CA HIS A 687 -0.64 31.21 13.60
C HIS A 687 -2.13 30.97 13.86
N LYS A 688 -2.90 32.03 14.04
CA LYS A 688 -4.34 31.88 14.24
C LYS A 688 -5.01 31.35 12.99
N ILE A 689 -4.58 31.82 11.81
CA ILE A 689 -5.12 31.30 10.56
C ILE A 689 -4.83 29.82 10.41
N PHE A 690 -3.60 29.41 10.74
CA PHE A 690 -3.24 28.00 10.67
C PHE A 690 -4.07 27.17 11.65
N TYR A 691 -4.28 27.70 12.86
CA TYR A 691 -5.14 27.01 13.83
C TYR A 691 -6.54 26.83 13.27
N LYS A 692 -7.11 27.90 12.71
CA LYS A 692 -8.48 27.84 12.21
C LYS A 692 -8.61 26.87 11.05
N VAL A 693 -7.60 26.83 10.17
CA VAL A 693 -7.68 25.88 9.05
C VAL A 693 -7.37 24.46 9.50
N LEU A 694 -6.70 24.27 10.63
CA LEU A 694 -6.49 22.93 11.16
C LEU A 694 -7.74 22.39 11.83
N LYS A 695 -8.44 23.22 12.61
CA LYS A 695 -9.63 22.75 13.31
C LYS A 695 -10.84 22.58 12.39
N ASN A 696 -10.79 23.13 11.17
CA ASN A 696 -11.92 23.03 10.25
C ASN A 696 -11.94 21.64 9.63
N ASN A 697 -12.98 20.86 9.94
CA ASN A 697 -13.11 19.51 9.43
C ASN A 697 -13.82 19.48 8.08
N GLY A 698 -14.54 20.54 7.73
CA GLY A 698 -15.28 20.57 6.48
C GLY A 698 -14.41 20.54 5.24
N LEU A 699 -13.13 20.91 5.36
CA LEU A 699 -12.19 20.93 4.24
C LEU A 699 -11.03 19.98 4.55
N PRO A 700 -11.13 18.70 4.17
CA PRO A 700 -10.04 17.77 4.49
C PRO A 700 -8.77 18.05 3.70
N GLU A 701 -8.88 18.40 2.43
CA GLU A 701 -7.69 18.69 1.63
C GLU A 701 -6.92 19.89 2.18
N CYS A 702 -7.66 20.91 2.64
CA CYS A 702 -7.00 22.06 3.26
C CYS A 702 -6.27 21.64 4.54
N GLN A 703 -6.86 20.72 5.31
CA GLN A 703 -6.17 20.20 6.48
C GLN A 703 -4.89 19.48 6.11
N VAL A 704 -4.94 18.66 5.06
CA VAL A 704 -3.76 17.92 4.63
C VAL A 704 -2.66 18.88 4.19
N ILE A 705 -3.01 19.90 3.40
CA ILE A 705 -2.02 20.86 2.94
C ILE A 705 -1.44 21.65 4.10
N ALA A 706 -2.29 22.07 5.05
CA ALA A 706 -1.80 22.81 6.20
C ALA A 706 -0.85 21.98 7.04
N ALA A 707 -1.21 20.71 7.29
CA ALA A 707 -0.35 19.84 8.07
C ALA A 707 0.98 19.59 7.37
N GLU A 708 0.94 19.32 6.06
CA GLU A 708 2.18 19.09 5.31
C GLU A 708 3.07 20.32 5.31
N GLY A 709 2.48 21.51 5.12
CA GLY A 709 3.27 22.72 5.13
C GLY A 709 3.86 23.03 6.50
N LEU A 710 3.08 22.81 7.55
CA LEU A 710 3.60 23.05 8.90
C LEU A 710 4.72 22.08 9.25
N CYS A 711 4.60 20.82 8.81
CA CYS A 711 5.68 19.87 9.04
C CYS A 711 6.91 20.25 8.24
N LYS A 712 6.73 20.72 7.00
CA LYS A 712 7.85 21.20 6.20
C LYS A 712 8.55 22.37 6.87
N LEU A 713 7.78 23.27 7.48
CA LEU A 713 8.37 24.43 8.15
C LEU A 713 9.10 24.01 9.42
N PHE A 714 8.49 23.11 10.20
CA PHE A 714 9.15 22.65 11.42
C PHE A 714 10.43 21.86 11.12
N LEU A 715 10.46 21.14 10.01
CA LEU A 715 11.67 20.41 9.65
C LEU A 715 12.85 21.33 9.35
N ALA A 716 12.57 22.59 9.02
CA ALA A 716 13.61 23.59 8.82
C ALA A 716 13.76 24.44 10.07
N ASP A 717 14.56 25.49 9.97
CA ASP A 717 14.76 26.40 11.10
C ASP A 717 13.59 27.36 11.31
N VAL A 718 12.62 27.38 10.41
CA VAL A 718 11.47 28.28 10.53
C VAL A 718 10.46 27.66 11.48
N PHE A 719 9.68 28.52 12.14
CA PHE A 719 8.59 28.10 13.02
C PHE A 719 9.11 27.25 14.18
N THR A 720 9.60 27.90 15.23
CA THR A 720 10.11 27.22 16.42
C THR A 720 9.18 27.55 17.58
N ASP A 721 8.01 26.92 17.58
CA ASP A 721 7.00 27.14 18.60
C ASP A 721 6.57 25.80 19.20
N ASP A 722 6.09 25.85 20.43
CA ASP A 722 5.65 24.65 21.15
C ASP A 722 4.15 24.41 21.04
N ASP A 723 3.34 25.47 21.12
CA ASP A 723 1.89 25.29 21.04
C ASP A 723 1.46 24.77 19.67
N LEU A 724 2.13 25.23 18.61
CA LEU A 724 1.82 24.74 17.27
C LEU A 724 2.13 23.25 17.14
N PHE A 725 3.28 22.83 17.65
CA PHE A 725 3.63 21.41 17.61
C PHE A 725 2.66 20.58 18.45
N GLU A 726 2.25 21.11 19.61
CA GLU A 726 1.27 20.42 20.43
C GLU A 726 -0.05 20.25 19.69
N THR A 727 -0.50 21.30 19.01
CA THR A 727 -1.75 21.22 18.24
C THR A 727 -1.61 20.23 17.09
N LEU A 728 -0.43 20.18 16.45
CA LEU A 728 -0.21 19.21 15.40
C LEU A 728 -0.32 17.77 15.92
N VAL A 729 0.35 17.50 17.05
CA VAL A 729 0.29 16.15 17.62
C VAL A 729 -1.13 15.81 18.05
N LEU A 730 -1.86 16.79 18.59
CA LEU A 730 -3.24 16.54 19.00
C LEU A 730 -4.12 16.24 17.80
N SER A 731 -3.94 16.99 16.70
CA SER A 731 -4.71 16.73 15.48
C SER A 731 -4.36 15.38 14.89
N TYR A 732 -3.11 14.92 15.05
CA TYR A 732 -2.76 13.57 14.64
C TYR A 732 -3.48 12.54 15.50
N PHE A 733 -3.49 12.75 16.81
CA PHE A 733 -4.14 11.83 17.74
C PHE A 733 -5.59 12.23 18.04
N SER A 734 -6.35 12.65 17.03
CA SER A 734 -7.69 13.11 17.37
C SER A 734 -8.74 12.15 16.80
N PRO A 735 -9.83 11.91 17.56
CA PRO A 735 -10.90 11.05 17.02
C PRO A 735 -11.68 11.70 15.89
N ILE A 736 -11.66 13.03 15.78
CA ILE A 736 -12.39 13.70 14.71
C ILE A 736 -11.69 13.51 13.38
N ASN A 737 -10.35 13.57 13.38
CA ASN A 737 -9.55 13.46 12.17
C ASN A 737 -9.28 12.01 11.76
N SER A 738 -10.06 11.06 12.26
CA SER A 738 -9.84 9.65 11.93
C SER A 738 -10.29 9.31 10.51
N SER A 739 -11.20 10.10 9.94
CA SER A 739 -11.67 9.81 8.59
C SER A 739 -10.67 10.24 7.53
N ASN A 740 -9.84 11.24 7.81
CA ASN A 740 -8.86 11.73 6.86
C ASN A 740 -7.65 10.80 6.86
N GLU A 741 -7.51 9.99 5.80
CA GLU A 741 -6.38 9.08 5.70
C GLU A 741 -5.10 9.77 5.28
N ALA A 742 -5.21 10.79 4.42
CA ALA A 742 -4.01 11.49 3.95
C ALA A 742 -3.33 12.24 5.09
N LEU A 743 -4.11 12.87 5.96
CA LEU A 743 -3.52 13.59 7.09
C LEU A 743 -2.78 12.64 8.03
N VAL A 744 -3.39 11.48 8.33
CA VAL A 744 -2.76 10.51 9.21
C VAL A 744 -1.48 9.97 8.56
N GLN A 745 -1.55 9.65 7.27
CA GLN A 745 -0.37 9.12 6.59
C GLN A 745 0.74 10.16 6.49
N ALA A 746 0.38 11.44 6.42
CA ALA A 746 1.39 12.49 6.38
C ALA A 746 2.05 12.68 7.75
N PHE A 747 1.24 12.69 8.81
CA PHE A 747 1.78 12.84 10.15
C PHE A 747 2.67 11.66 10.53
N ALA A 748 2.24 10.45 10.20
CA ALA A 748 2.99 9.25 10.57
C ALA A 748 4.37 9.20 9.92
N PHE A 749 4.58 9.97 8.86
CA PHE A 749 5.88 10.06 8.23
C PHE A 749 6.64 11.32 8.60
N CYS A 750 5.93 12.41 8.95
CA CYS A 750 6.60 13.66 9.25
C CYS A 750 7.03 13.80 10.70
N ILE A 751 6.33 13.15 11.63
CA ILE A 751 6.68 13.26 13.05
C ILE A 751 7.95 12.48 13.37
N PRO A 752 8.09 11.21 12.97
CA PRO A 752 9.32 10.47 13.35
C PRO A 752 10.59 11.06 12.77
N VAL A 753 10.57 11.50 11.51
CA VAL A 753 11.77 12.07 10.90
C VAL A 753 12.17 13.35 11.63
N TYR A 754 11.18 14.16 12.02
CA TYR A 754 11.47 15.36 12.78
C TYR A 754 12.07 15.03 14.13
N CYS A 755 11.45 14.10 14.85
CA CYS A 755 11.93 13.74 16.19
C CYS A 755 13.30 13.07 16.17
N PHE A 756 13.67 12.42 15.06
CA PHE A 756 14.93 11.71 14.98
C PHE A 756 16.00 12.45 14.21
N SER A 757 15.67 13.62 13.62
CA SER A 757 16.69 14.38 12.90
C SER A 757 17.69 15.03 13.84
N HIS A 758 17.20 15.80 14.82
CA HIS A 758 18.06 16.56 15.72
C HIS A 758 17.61 16.39 17.16
N PRO A 759 18.55 16.29 18.10
CA PRO A 759 18.16 16.16 19.51
C PRO A 759 17.33 17.32 20.03
N ALA A 760 17.49 18.52 19.46
CA ALA A 760 16.67 19.65 19.89
C ALA A 760 15.19 19.39 19.58
N HIS A 761 14.92 18.74 18.44
CA HIS A 761 13.54 18.39 18.10
C HIS A 761 12.98 17.38 19.09
N GLN A 762 13.79 16.40 19.50
CA GLN A 762 13.34 15.43 20.50
C GLN A 762 13.07 16.10 21.84
N GLN A 763 13.90 17.08 22.21
CA GLN A 763 13.65 17.82 23.44
C GLN A 763 12.37 18.62 23.35
N ARG A 764 12.11 19.25 22.20
CA ARG A 764 10.86 19.98 22.01
C ARG A 764 9.66 19.05 22.10
N MET A 765 9.79 17.84 21.56
CA MET A 765 8.69 16.87 21.65
C MET A 765 8.47 16.42 23.09
N SER A 766 9.56 16.19 23.83
CA SER A 766 9.45 15.72 25.20
C SER A 766 8.91 16.79 26.14
N ARG A 767 9.15 18.07 25.81
CA ARG A 767 8.65 19.15 26.66
C ARG A 767 7.13 19.27 26.61
N THR A 768 6.47 18.67 25.61
CA THR A 768 5.04 18.80 25.43
C THR A 768 4.29 17.47 25.38
N ALA A 769 4.99 16.34 25.30
CA ALA A 769 4.30 15.05 25.20
C ALA A 769 3.46 14.77 26.44
N ALA A 770 3.91 15.21 27.62
CA ALA A 770 3.14 14.95 28.84
C ALA A 770 1.81 15.70 28.81
N ASP A 771 1.83 16.98 28.42
CA ASP A 771 0.60 17.73 28.33
C ASP A 771 -0.29 17.21 27.19
N ILE A 772 0.32 16.70 26.12
CA ILE A 772 -0.45 16.05 25.07
C ILE A 772 -1.19 14.83 25.63
N LEU A 773 -0.48 14.01 26.40
CA LEU A 773 -1.13 12.83 27.00
C LEU A 773 -2.22 13.25 27.98
N LEU A 774 -2.02 14.37 28.69
CA LEU A 774 -3.05 14.88 29.58
C LEU A 774 -4.32 15.24 28.80
N ARG A 775 -4.18 16.07 27.77
CA ARG A 775 -5.35 16.41 26.96
C ARG A 775 -5.94 15.21 26.23
N LEU A 776 -5.15 14.15 26.03
CA LEU A 776 -5.66 12.99 25.29
C LEU A 776 -6.43 12.05 26.21
N CYS A 777 -6.01 11.93 27.47
CA CYS A 777 -6.72 11.05 28.40
C CYS A 777 -8.10 11.59 28.78
N VAL A 778 -8.40 12.84 28.46
CA VAL A 778 -9.71 13.40 28.75
C VAL A 778 -10.70 13.09 27.64
N LEU A 779 -10.23 13.10 26.39
CA LEU A 779 -11.12 12.83 25.27
C LEU A 779 -11.55 11.36 25.23
N TRP A 780 -10.73 10.46 25.80
CA TRP A 780 -11.09 9.05 25.81
C TRP A 780 -12.23 8.78 26.78
N ASP A 781 -12.22 9.44 27.94
CA ASP A 781 -13.29 9.27 28.92
C ASP A 781 -14.61 9.74 28.37
N ASP A 782 -14.62 10.94 27.76
CA ASP A 782 -15.85 11.47 27.19
C ASP A 782 -16.35 10.62 26.02
N LEU A 783 -15.43 10.00 25.28
CA LEU A 783 -15.86 9.14 24.17
C LEU A 783 -16.44 7.83 24.69
N GLN A 784 -15.85 7.28 25.75
CA GLN A 784 -16.37 6.03 26.32
C GLN A 784 -17.67 6.25 27.08
N SER A 785 -17.89 7.45 27.61
CA SER A 785 -19.10 7.75 28.37
C SER A 785 -20.13 8.53 27.56
N SER A 786 -20.06 8.48 26.23
CA SER A 786 -21.01 9.19 25.38
C SER A 786 -22.09 8.24 24.90
N VAL A 787 -23.34 8.65 25.09
CA VAL A 787 -24.49 7.86 24.66
C VAL A 787 -25.27 8.73 23.67
N ILE A 788 -24.95 8.61 22.39
CA ILE A 788 -25.62 9.38 21.36
C ILE A 788 -26.32 8.46 20.37
N VAL A 791 -22.20 6.24 17.42
CA VAL A 791 -20.86 6.72 17.71
C VAL A 791 -19.84 5.66 17.34
N ASP A 792 -18.56 6.06 17.32
CA ASP A 792 -17.45 5.17 16.99
C ASP A 792 -16.47 5.22 18.15
N ARG A 793 -16.62 4.30 19.10
CA ARG A 793 -15.74 4.27 20.26
C ARG A 793 -14.36 3.70 19.94
N GLU A 794 -14.24 2.97 18.83
CA GLU A 794 -12.97 2.36 18.44
C GLU A 794 -12.17 3.25 17.48
N ALA A 795 -12.62 4.47 17.23
CA ALA A 795 -11.88 5.37 16.34
C ALA A 795 -10.61 5.88 17.02
N MET A 796 -10.73 6.36 18.24
CA MET A 796 -9.57 6.84 18.98
C MET A 796 -8.72 5.67 19.47
N LEU A 797 -7.41 5.89 19.49
CA LEU A 797 -6.49 4.89 20.02
C LEU A 797 -6.57 4.86 21.54
N LYS A 798 -6.28 3.69 22.10
CA LYS A 798 -6.30 3.54 23.54
C LYS A 798 -5.11 4.27 24.17
N PRO A 799 -5.26 4.75 25.41
CA PRO A 799 -4.18 5.56 26.01
C PRO A 799 -2.85 4.83 26.15
N ASN A 800 -2.86 3.51 26.32
CA ASN A 800 -1.59 2.80 26.46
C ASN A 800 -0.80 2.81 25.16
N ILE A 801 -1.50 2.67 24.03
CA ILE A 801 -0.81 2.74 22.73
C ILE A 801 -0.26 4.15 22.50
N ILE A 802 -1.00 5.17 22.93
CA ILE A 802 -0.52 6.55 22.80
C ILE A 802 0.72 6.76 23.65
N PHE A 803 0.71 6.24 24.88
CA PHE A 803 1.87 6.38 25.74
C PHE A 803 3.08 5.63 25.17
N GLN A 804 2.85 4.45 24.60
CA GLN A 804 3.94 3.70 23.98
C GLN A 804 4.52 4.46 22.78
N GLN A 805 3.66 5.05 21.95
CA GLN A 805 4.13 5.80 20.81
C GLN A 805 4.88 7.06 21.24
N LEU A 806 4.43 7.71 22.31
CA LEU A 806 5.12 8.88 22.81
C LEU A 806 6.47 8.52 23.42
N LEU A 807 6.56 7.37 24.10
CA LEU A 807 7.85 6.91 24.60
C LEU A 807 8.78 6.50 23.47
N PHE A 808 8.23 6.02 22.35
CA PHE A 808 9.05 5.66 21.21
C PHE A 808 9.66 6.88 20.55
N TRP A 809 8.97 8.02 20.58
CA TRP A 809 9.48 9.23 19.95
C TRP A 809 10.48 9.97 20.83
N THR A 810 10.50 9.71 22.14
CA THR A 810 11.42 10.35 23.07
C THR A 810 12.55 9.43 23.47
N ASP A 811 12.90 8.45 22.63
CA ASP A 811 13.98 7.52 22.95
C ASP A 811 15.28 8.02 22.33
N PRO A 812 16.33 8.27 23.12
CA PRO A 812 17.59 8.75 22.55
C PRO A 812 18.34 7.72 21.73
N ARG A 813 17.89 6.46 21.73
CA ARG A 813 18.55 5.42 20.95
C ARG A 813 18.10 5.39 19.50
N ASN A 814 17.05 6.12 19.14
CA ASN A 814 16.52 6.14 17.79
C ASN A 814 17.06 7.30 16.95
N LEU A 815 18.05 8.03 17.47
CA LEU A 815 18.63 9.14 16.71
C LEU A 815 19.53 8.61 15.60
N VAL A 816 19.58 9.37 14.50
CA VAL A 816 20.35 8.95 13.34
C VAL A 816 21.80 9.40 13.38
N ASN A 817 22.13 10.36 14.24
CA ASN A 817 23.51 10.86 14.31
C ASN A 817 24.38 9.95 15.18
N GLN A 818 23.98 9.77 16.44
CA GLN A 818 24.71 8.95 17.40
C GLN A 818 26.17 9.42 17.52
N THR A 819 26.32 10.61 18.10
CA THR A 819 27.64 11.20 18.26
C THR A 819 28.47 10.43 19.27
N GLY A 820 27.90 10.10 20.42
CA GLY A 820 28.62 9.41 21.46
C GLY A 820 28.14 9.79 22.85
N SER A 821 27.68 11.03 22.99
CA SER A 821 27.12 11.52 24.25
C SER A 821 25.63 11.28 24.37
N THR A 822 25.04 10.51 23.46
CA THR A 822 23.61 10.22 23.53
C THR A 822 23.27 9.33 24.71
N LYS A 823 24.21 8.54 25.21
CA LYS A 823 23.98 7.72 26.38
C LYS A 823 23.93 8.52 27.67
N LYS A 824 24.34 9.79 27.63
CA LYS A 824 24.34 10.65 28.81
C LYS A 824 23.16 11.60 28.86
N ASP A 825 22.63 12.00 27.71
CA ASP A 825 21.50 12.93 27.68
C ASP A 825 20.27 12.28 28.29
N THR A 826 19.55 13.07 29.10
CA THR A 826 18.36 12.60 29.82
C THR A 826 17.15 13.34 29.25
N VAL A 827 16.59 12.81 28.16
CA VAL A 827 15.40 13.36 27.53
C VAL A 827 14.15 12.60 27.94
N GLN A 828 14.24 11.27 28.04
CA GLN A 828 13.09 10.46 28.39
C GLN A 828 12.77 10.49 29.87
N LEU A 829 13.74 10.86 30.72
CA LEU A 829 13.48 10.93 32.15
C LEU A 829 12.56 12.10 32.50
N THR A 830 12.76 13.25 31.86
CA THR A 830 11.92 14.41 32.14
C THR A 830 10.48 14.14 31.73
N PHE A 831 10.29 13.44 30.61
CA PHE A 831 8.94 13.08 30.18
C PHE A 831 8.27 12.17 31.21
N LEU A 832 9.01 11.20 31.74
CA LEU A 832 8.44 10.29 32.74
C LEU A 832 8.13 11.04 34.04
N ILE A 833 9.00 11.99 34.42
CA ILE A 833 8.74 12.77 35.63
C ILE A 833 7.48 13.62 35.46
N ASP A 834 7.33 14.25 34.29
CA ASP A 834 6.13 15.03 34.04
C ASP A 834 4.89 14.16 34.01
N VAL A 835 4.99 12.95 33.46
CA VAL A 835 3.85 12.03 33.46
C VAL A 835 3.49 11.65 34.89
N LEU A 836 4.49 11.35 35.73
CA LEU A 836 4.20 10.99 37.11
C LEU A 836 3.63 12.17 37.89
N LYS A 837 4.00 13.40 37.54
CA LYS A 837 3.43 14.56 38.20
C LYS A 837 1.97 14.76 37.78
N ILE A 838 1.69 14.60 36.48
CA ILE A 838 0.32 14.71 36.00
C ILE A 838 -0.56 13.56 36.49
N TYR A 839 0.07 12.43 36.87
CA TYR A 839 -0.67 11.25 37.33
C TYR A 839 -1.68 11.58 38.42
N ALA A 840 -1.46 12.65 39.19
CA ALA A 840 -2.37 13.03 40.25
C ALA A 840 -3.61 13.76 39.74
N GLN A 841 -3.80 13.85 38.43
CA GLN A 841 -4.96 14.54 37.86
C GLN A 841 -5.91 13.61 37.12
N ILE A 842 -5.52 12.35 36.88
CA ILE A 842 -6.40 11.42 36.20
C ILE A 842 -7.50 10.97 37.17
N GLU A 843 -8.71 10.82 36.65
CA GLU A 843 -9.86 10.47 37.47
C GLU A 843 -10.11 8.96 37.50
N LYS A 844 -10.21 8.34 36.33
CA LYS A 844 -10.52 6.92 36.26
C LYS A 844 -9.34 6.08 36.75
N LYS A 845 -9.61 4.80 37.02
CA LYS A 845 -8.58 3.92 37.53
C LYS A 845 -7.96 3.07 36.43
N GLU A 846 -8.73 2.73 35.39
CA GLU A 846 -8.18 1.93 34.29
C GLU A 846 -7.13 2.72 33.52
N ILE A 847 -7.33 4.02 33.35
CA ILE A 847 -6.32 4.85 32.69
C ILE A 847 -5.06 4.91 33.53
N LYS A 848 -5.21 5.08 34.85
CA LYS A 848 -4.05 5.06 35.75
C LYS A 848 -3.31 3.74 35.63
N LYS A 849 -4.05 2.63 35.57
CA LYS A 849 -3.42 1.32 35.47
C LYS A 849 -2.64 1.16 34.16
N MET A 850 -3.25 1.54 33.04
CA MET A 850 -2.59 1.35 31.76
C MET A 850 -1.47 2.36 31.56
N ILE A 851 -1.44 3.44 32.34
CA ILE A 851 -0.31 4.36 32.29
C ILE A 851 0.83 3.85 33.16
N ILE A 852 0.52 3.30 34.33
CA ILE A 852 1.57 2.82 35.22
C ILE A 852 2.20 1.54 34.68
N THR A 853 1.42 0.70 33.99
CA THR A 853 1.94 -0.57 33.52
C THR A 853 3.00 -0.38 32.44
N ASN A 854 2.87 0.67 31.63
CA ASN A 854 3.79 0.91 30.51
C ASN A 854 4.92 1.87 30.88
N ILE A 855 5.46 1.74 32.09
CA ILE A 855 6.58 2.57 32.51
C ILE A 855 7.91 1.84 32.37
N ASN A 856 7.94 0.55 32.71
CA ASN A 856 9.17 -0.24 32.62
C ASN A 856 9.54 -0.47 31.16
N ALA A 857 9.94 0.60 30.46
CA ALA A 857 10.32 0.52 29.05
C ALA A 857 11.23 1.67 28.65
N ILE A 858 11.73 2.44 29.62
CA ILE A 858 12.61 3.56 29.34
C ILE A 858 14.05 3.06 29.28
N PHE A 859 14.97 3.94 28.92
CA PHE A 859 16.39 3.61 28.82
C PHE A 859 17.10 4.05 30.08
N LEU A 860 17.56 3.10 30.87
CA LEU A 860 18.28 3.35 32.12
C LEU A 860 19.70 2.86 31.97
N SER A 861 20.66 3.79 32.07
CA SER A 861 22.08 3.47 31.91
C SER A 861 22.85 4.09 33.07
N SER A 862 24.17 3.87 33.07
CA SER A 862 25.03 4.40 34.11
C SER A 862 25.58 5.78 33.78
N GLU A 863 25.73 6.10 32.50
CA GLU A 863 26.21 7.43 32.10
C GLU A 863 25.15 8.50 32.27
N GLN A 864 23.98 8.16 32.78
CA GLN A 864 22.90 9.13 32.97
C GLN A 864 23.19 10.01 34.18
N ASP A 865 22.32 11.01 34.38
CA ASP A 865 22.50 11.94 35.48
C ASP A 865 22.16 11.28 36.81
N TYR A 866 22.47 11.98 37.90
CA TYR A 866 22.23 11.49 39.25
C TYR A 866 21.03 12.16 39.92
N SER A 867 20.94 13.48 39.84
CA SER A 867 19.83 14.19 40.47
C SER A 867 18.50 13.83 39.82
N THR A 868 18.49 13.65 38.49
CA THR A 868 17.27 13.27 37.82
C THR A 868 16.81 11.88 38.24
N LEU A 869 17.73 10.92 38.28
CA LEU A 869 17.38 9.57 38.73
C LEU A 869 16.90 9.60 40.18
N LYS A 870 17.55 10.39 41.03
CA LYS A 870 17.09 10.54 42.41
C LYS A 870 15.65 11.03 42.45
N GLU A 871 15.39 12.20 41.86
CA GLU A 871 14.05 12.78 41.85
C GLU A 871 13.02 11.78 41.33
N LEU A 872 13.37 11.03 40.28
CA LEU A 872 12.48 9.97 39.81
C LEU A 872 12.24 8.93 40.89
N LEU A 873 13.27 8.63 41.69
CA LEU A 873 13.10 7.65 42.76
C LEU A 873 12.13 8.14 43.82
N GLU A 874 12.28 9.40 44.27
CA GLU A 874 11.33 9.90 45.25
C GLU A 874 9.92 10.00 44.68
N TYR A 875 9.79 10.33 43.39
CA TYR A 875 8.46 10.40 42.79
C TYR A 875 7.82 9.01 42.77
N SER A 876 8.58 7.99 42.35
CA SER A 876 8.05 6.63 42.33
C SER A 876 7.70 6.16 43.74
N ASP A 877 8.53 6.51 44.72
CA ASP A 877 8.25 6.11 46.10
C ASP A 877 6.98 6.76 46.62
N ASP A 878 6.78 8.04 46.33
CA ASP A 878 5.56 8.73 46.75
C ASP A 878 4.34 8.11 46.08
N ILE A 879 4.44 7.79 44.79
CA ILE A 879 3.30 7.18 44.10
C ILE A 879 3.02 5.79 44.65
N ALA A 880 4.06 5.05 45.02
CA ALA A 880 3.85 3.70 45.54
C ALA A 880 3.24 3.73 46.94
N GLU A 881 3.64 4.71 47.76
CA GLU A 881 3.12 4.77 49.13
C GLU A 881 1.75 5.45 49.18
N ASN A 882 1.71 6.75 48.88
CA ASN A 882 0.48 7.54 49.05
C ASN A 882 -0.47 7.33 47.87
N ASP A 883 -0.89 6.07 47.70
CA ASP A 883 -1.84 5.69 46.67
C ASP A 883 -2.32 4.27 46.95
N ASN A 884 -3.45 3.92 46.37
CA ASN A 884 -4.04 2.58 46.50
C ASN A 884 -4.11 1.97 45.11
N LEU A 885 -3.07 1.23 44.75
CA LEU A 885 -2.97 0.61 43.43
C LEU A 885 -3.50 -0.81 43.47
N ASP A 886 -3.39 -1.50 42.33
CA ASP A 886 -3.83 -2.88 42.22
C ASP A 886 -2.68 -3.84 42.51
N ASN A 887 -2.43 -4.76 41.58
CA ASN A 887 -1.35 -5.73 41.73
C ASN A 887 -0.33 -5.64 40.61
N VAL A 888 -0.79 -5.58 39.35
CA VAL A 888 0.15 -5.48 38.23
C VAL A 888 0.85 -4.13 38.24
N SER A 889 0.10 -3.06 38.48
CA SER A 889 0.71 -1.73 38.56
C SER A 889 1.67 -1.64 39.75
N LYS A 890 1.30 -2.25 40.88
CA LYS A 890 2.19 -2.26 42.03
C LYS A 890 3.47 -3.02 41.72
N ASN A 891 3.36 -4.17 41.04
CA ASN A 891 4.55 -4.94 40.69
C ASN A 891 5.45 -4.16 39.72
N ALA A 892 4.84 -3.49 38.74
CA ALA A 892 5.63 -2.69 37.80
C ALA A 892 6.35 -1.55 38.52
N LEU A 893 5.66 -0.88 39.43
CA LEU A 893 6.29 0.22 40.18
C LEU A 893 7.40 -0.31 41.07
N ASP A 894 7.20 -1.48 41.69
CA ASP A 894 8.26 -2.06 42.51
C ASP A 894 9.48 -2.43 41.68
N LYS A 895 9.25 -2.97 40.48
CA LYS A 895 10.38 -3.31 39.60
C LYS A 895 11.12 -2.05 39.16
N LEU A 896 10.38 -0.97 38.85
CA LEU A 896 11.02 0.28 38.48
C LEU A 896 11.85 0.83 39.65
N ARG A 897 11.29 0.79 40.86
CA ARG A 897 12.02 1.29 42.03
C ARG A 897 13.25 0.44 42.30
N ASN A 898 13.16 -0.88 42.10
CA ASN A 898 14.32 -1.74 42.31
C ASN A 898 15.42 -1.42 41.29
N ASN A 899 15.03 -1.22 40.02
CA ASN A 899 16.02 -0.85 39.01
C ASN A 899 16.68 0.49 39.34
N LEU A 900 15.88 1.47 39.76
CA LEU A 900 16.43 2.77 40.12
C LEU A 900 17.38 2.67 41.31
N ASN A 901 17.00 1.87 42.32
CA ASN A 901 17.86 1.68 43.48
C ASN A 901 19.17 1.00 43.10
N SER A 902 19.10 0.00 42.22
CA SER A 902 20.31 -0.67 41.78
C SER A 902 21.23 0.29 41.02
N LEU A 903 20.66 1.09 40.12
CA LEU A 903 21.47 2.05 39.36
C LEU A 903 22.09 3.09 40.28
N ILE A 904 21.33 3.57 41.26
CA ILE A 904 21.87 4.59 42.17
C ILE A 904 22.95 4.00 43.07
N GLU A 905 22.78 2.76 43.53
CA GLU A 905 23.80 2.13 44.35
C GLU A 905 25.06 1.86 43.53
N GLU A 906 24.91 1.56 42.24
CA GLU A 906 26.06 1.36 41.38
C GLU A 906 26.79 2.67 41.11
N ILE A 907 26.06 3.77 40.89
CA ILE A 907 26.71 5.06 40.66
C ILE A 907 27.35 5.58 41.93
N ASN A 908 26.78 5.26 43.09
CA ASN A 908 27.34 5.74 44.35
C ASN A 908 28.73 5.17 44.60
N GLU A 909 28.98 3.93 44.17
CA GLU A 909 30.30 3.32 44.32
C GLU A 909 31.17 3.81 43.17
N ARG A 910 31.76 4.99 43.37
CA ARG A 910 32.62 5.64 42.39
C ARG A 910 33.23 6.88 43.02
N SER A 911 34.45 7.19 42.60
CA SER A 911 35.19 8.35 43.10
C SER A 911 35.31 8.35 44.63
N GLU B 387 23.16 14.80 3.07
CA GLU B 387 21.71 14.95 3.15
C GLU B 387 21.01 13.81 2.43
N LYS B 388 21.62 13.34 1.34
CA LYS B 388 21.03 12.24 0.58
C LYS B 388 21.03 10.94 1.38
N ASP B 389 22.09 10.70 2.15
CA ASP B 389 22.17 9.48 2.94
C ASP B 389 21.08 9.43 4.00
N LEU B 390 20.83 10.56 4.68
CA LEU B 390 19.78 10.60 5.70
C LEU B 390 18.41 10.38 5.07
N MET B 391 18.17 10.99 3.91
CA MET B 391 16.88 10.80 3.24
C MET B 391 16.69 9.35 2.81
N ALA B 392 17.75 8.72 2.28
CA ALA B 392 17.65 7.32 1.90
C ALA B 392 17.40 6.43 3.12
N TYR B 393 18.06 6.73 4.24
CA TYR B 393 17.86 5.95 5.46
C TYR B 393 16.44 6.10 5.97
N PHE B 394 15.90 7.32 5.94
CA PHE B 394 14.54 7.53 6.41
C PHE B 394 13.51 6.90 5.48
N ASP B 395 13.80 6.85 4.17
CA ASP B 395 12.88 6.20 3.24
C ASP B 395 12.95 4.68 3.35
N GLU B 396 14.11 4.13 3.68
CA GLU B 396 14.24 2.67 3.79
C GLU B 396 13.71 2.16 5.12
N ASN B 397 14.01 2.85 6.22
CA ASN B 397 13.58 2.38 7.53
C ASN B 397 12.09 2.56 7.74
N LEU B 398 11.52 3.69 7.32
CA LEU B 398 10.11 4.00 7.50
C LEU B 398 9.28 3.58 6.29
N ASN B 399 9.61 2.44 5.68
CA ASN B 399 8.88 1.96 4.51
C ASN B 399 7.69 1.08 4.87
N ARG B 400 7.79 0.31 5.95
CA ARG B 400 6.72 -0.58 6.36
C ARG B 400 5.78 0.04 7.39
N ASN B 401 6.09 1.23 7.89
CA ASN B 401 5.24 1.89 8.89
C ASN B 401 4.61 3.15 8.31
N TRP B 402 3.96 3.02 7.16
CA TRP B 402 3.33 4.16 6.50
C TRP B 402 1.86 4.32 6.85
N ARG B 403 1.26 3.34 7.53
CA ARG B 403 -0.15 3.44 7.89
C ARG B 403 -0.37 4.19 9.20
N GLY B 404 0.60 4.13 10.11
CA GLY B 404 0.44 4.81 11.38
C GLY B 404 -0.57 4.11 12.27
N ARG B 405 -1.26 4.91 13.09
CA ARG B 405 -2.28 4.42 14.01
C ARG B 405 -1.73 3.36 14.94
N GLU B 406 -2.16 2.12 14.77
CA GLU B 406 -1.70 1.01 15.61
C GLU B 406 -0.56 0.22 14.97
N HIS B 407 -0.25 0.46 13.70
CA HIS B 407 0.81 -0.25 13.00
C HIS B 407 2.13 0.51 13.02
N TRP B 408 2.41 1.24 14.10
CA TRP B 408 3.64 2.01 14.20
C TRP B 408 4.84 1.17 14.59
N LYS B 409 4.63 -0.04 15.10
CA LYS B 409 5.73 -0.88 15.53
C LYS B 409 6.52 -1.38 14.32
N VAL B 410 7.84 -1.42 14.48
CA VAL B 410 8.73 -1.88 13.42
C VAL B 410 8.62 -3.39 13.24
N LEU B 459 8.70 -42.00 15.96
CA LEU B 459 9.75 -42.44 15.05
C LEU B 459 9.31 -43.66 14.25
N GLU B 460 8.64 -44.59 14.93
CA GLU B 460 8.14 -45.80 14.29
C GLU B 460 6.97 -46.34 15.10
N ILE B 461 5.85 -46.61 14.43
CA ILE B 461 4.65 -47.09 15.08
C ILE B 461 4.51 -48.59 14.84
N ASP B 462 4.37 -49.36 15.92
CA ASP B 462 4.19 -50.80 15.82
C ASP B 462 2.71 -51.09 15.63
N PHE B 463 2.35 -51.58 14.43
CA PHE B 463 0.96 -51.87 14.11
C PHE B 463 0.48 -53.20 14.66
N PHE B 464 1.35 -53.98 15.30
CA PHE B 464 0.96 -55.26 15.86
C PHE B 464 0.48 -55.15 17.31
N LYS B 465 0.88 -54.12 18.03
CA LYS B 465 0.46 -53.95 19.41
C LYS B 465 -0.96 -53.43 19.47
N THR B 466 -1.83 -54.14 20.20
CA THR B 466 -3.22 -53.74 20.38
C THR B 466 -3.40 -53.10 21.75
N ASP B 467 -4.33 -52.15 21.82
CA ASP B 467 -4.61 -51.43 23.05
C ASP B 467 -6.12 -51.25 23.18
N ASP B 468 -6.52 -50.63 24.28
CA ASP B 468 -7.93 -50.38 24.55
C ASP B 468 -8.24 -48.91 24.84
N SER B 469 -7.37 -48.23 25.58
CA SER B 469 -7.58 -46.82 25.90
C SER B 469 -7.23 -45.90 24.73
N PHE B 470 -6.60 -46.41 23.68
CA PHE B 470 -6.22 -45.57 22.54
C PHE B 470 -7.46 -44.98 21.86
N GLU B 471 -8.43 -45.83 21.51
CA GLU B 471 -9.64 -45.34 20.86
C GLU B 471 -10.48 -44.51 21.82
N ASP B 472 -10.41 -44.78 23.12
CA ASP B 472 -11.16 -43.97 24.07
C ASP B 472 -10.58 -42.57 24.20
N LYS B 473 -9.24 -42.45 24.12
CA LYS B 473 -8.62 -41.14 24.19
C LYS B 473 -8.71 -40.39 22.87
N VAL B 474 -8.74 -41.11 21.74
CA VAL B 474 -8.87 -40.47 20.44
C VAL B 474 -10.30 -40.04 20.18
N PHE B 475 -11.23 -41.00 20.24
CA PHE B 475 -12.65 -40.73 19.99
C PHE B 475 -13.34 -40.47 21.32
N ALA B 476 -13.64 -39.20 21.60
CA ALA B 476 -14.30 -38.81 22.83
C ALA B 476 -15.03 -37.49 22.59
N SER B 477 -15.66 -36.98 23.64
CA SER B 477 -16.38 -35.72 23.57
C SER B 477 -15.46 -34.56 23.94
N LYS B 478 -15.84 -33.36 23.48
CA LYS B 478 -15.03 -32.18 23.76
C LYS B 478 -15.11 -31.78 25.22
N GLY B 479 -16.24 -32.02 25.87
CA GLY B 479 -16.40 -31.69 27.28
C GLY B 479 -16.36 -30.19 27.56
N ARG B 480 -15.28 -29.73 28.18
CA ARG B 480 -15.13 -28.33 28.54
C ARG B 480 -14.26 -27.55 27.55
N THR B 481 -13.22 -28.18 27.02
CA THR B 481 -12.32 -27.50 26.09
C THR B 481 -13.06 -27.18 24.79
N LYS B 482 -13.18 -25.89 24.49
CA LYS B 482 -13.86 -25.46 23.28
C LYS B 482 -12.98 -25.68 22.06
N ILE B 483 -13.63 -26.03 20.94
CA ILE B 483 -12.93 -26.29 19.68
C ILE B 483 -13.38 -25.34 18.58
N ASP B 484 -14.03 -24.23 18.96
CA ASP B 484 -14.52 -23.26 18.00
C ASP B 484 -14.02 -21.87 18.37
N MET B 485 -13.98 -20.99 17.38
CA MET B 485 -13.54 -19.61 17.55
C MET B 485 -14.70 -18.73 18.03
N PRO B 486 -14.39 -17.64 18.74
CA PRO B 486 -15.45 -16.77 19.23
C PRO B 486 -16.27 -16.16 18.09
N ILE B 487 -17.49 -15.75 18.43
CA ILE B 487 -18.39 -15.19 17.44
C ILE B 487 -17.92 -13.82 16.99
N LYS B 488 -17.35 -13.04 17.91
CA LYS B 488 -16.89 -11.70 17.56
C LYS B 488 -15.70 -11.74 16.59
N ASN B 489 -14.91 -12.81 16.64
CA ASN B 489 -13.74 -12.97 15.78
C ASN B 489 -14.06 -13.71 14.49
N ARG B 490 -15.30 -13.62 13.99
CA ARG B 490 -15.71 -14.30 12.78
C ARG B 490 -15.93 -13.37 11.60
N LYS B 491 -16.29 -12.11 11.84
CA LYS B 491 -16.53 -11.15 10.78
C LYS B 491 -15.74 -9.87 11.05
N ASN B 492 -15.41 -9.17 9.98
CA ASN B 492 -14.67 -7.92 10.08
C ASN B 492 -15.09 -6.99 8.96
N ASP B 493 -15.29 -5.71 9.29
CA ASP B 493 -15.75 -4.75 8.30
C ASP B 493 -14.62 -4.29 7.38
N THR B 494 -13.38 -4.27 7.87
CA THR B 494 -12.25 -3.85 7.05
C THR B 494 -11.88 -4.86 5.98
N HIS B 495 -12.38 -6.10 6.08
CA HIS B 495 -12.12 -7.15 5.11
C HIS B 495 -10.64 -7.48 4.95
N TYR B 496 -9.82 -7.06 5.91
CA TYR B 496 -8.37 -7.29 5.90
C TYR B 496 -7.75 -6.76 4.61
N LEU B 497 -8.07 -5.52 4.27
CA LEU B 497 -7.56 -4.86 3.08
C LEU B 497 -6.70 -3.67 3.46
N LEU B 498 -5.80 -3.32 2.56
CA LEU B 498 -4.89 -2.18 2.77
C LEU B 498 -5.58 -0.88 2.37
N PRO B 499 -5.38 0.19 3.14
CA PRO B 499 -6.00 1.47 2.78
C PRO B 499 -5.37 2.11 1.56
N ASP B 500 -5.93 3.23 1.11
CA ASP B 500 -5.40 3.91 -0.06
C ASP B 500 -4.05 4.55 0.26
N ASP B 501 -3.04 4.20 -0.53
CA ASP B 501 -1.68 4.71 -0.33
C ASP B 501 -1.53 6.07 -0.99
N PHE B 502 -0.87 6.99 -0.28
CA PHE B 502 -0.60 8.32 -0.80
C PHE B 502 0.87 8.61 -1.03
N HIS B 503 1.76 7.70 -0.61
CA HIS B 503 3.20 7.80 -0.86
C HIS B 503 3.78 9.09 -0.30
N PHE B 504 4.07 9.10 1.00
CA PHE B 504 4.71 10.23 1.66
C PHE B 504 6.18 9.89 1.88
N SER B 505 7.02 10.26 0.91
CA SER B 505 8.45 10.01 0.97
C SER B 505 9.20 11.33 1.15
N THR B 506 10.53 11.23 1.21
CA THR B 506 11.35 12.43 1.34
C THR B 506 11.30 13.27 0.08
N ASP B 507 11.10 12.65 -1.08
CA ASP B 507 11.04 13.40 -2.32
C ASP B 507 9.83 14.31 -2.37
N ARG B 508 8.68 13.82 -1.88
CA ARG B 508 7.46 14.63 -1.90
C ARG B 508 7.56 15.80 -0.93
N ILE B 509 8.19 15.59 0.22
CA ILE B 509 8.28 16.65 1.22
C ILE B 509 9.41 17.62 0.92
N THR B 510 10.40 17.22 0.10
CA THR B 510 11.50 18.12 -0.22
C THR B 510 11.07 19.18 -1.24
N ARG B 511 10.30 18.81 -2.25
CA ARG B 511 9.89 19.76 -3.26
C ARG B 511 8.88 20.76 -2.68
N LEU B 512 8.58 21.78 -3.46
CA LEU B 512 7.63 22.82 -3.07
C LEU B 512 6.22 22.40 -3.46
N PHE B 513 5.30 23.37 -3.50
CA PHE B 513 3.91 23.09 -3.88
C PHE B 513 3.62 23.60 -5.28
N ILE B 514 3.69 24.92 -5.47
CA ILE B 514 3.43 25.52 -6.79
C ILE B 514 4.65 25.54 -7.68
N LYS B 515 5.78 25.02 -7.22
CA LYS B 515 7.03 24.97 -8.00
C LYS B 515 7.76 23.69 -7.67
N PRO B 516 7.37 22.57 -8.29
CA PRO B 516 8.04 21.29 -7.99
C PRO B 516 9.50 21.24 -8.43
N GLY B 517 9.97 22.19 -9.23
CA GLY B 517 11.35 22.17 -9.66
C GLY B 517 12.32 22.49 -8.53
N GLN B 518 11.98 23.48 -7.70
CA GLN B 518 12.85 23.84 -6.60
C GLN B 518 12.73 22.83 -5.46
N LYS B 519 13.80 22.73 -4.67
CA LYS B 519 13.86 21.79 -3.55
C LYS B 519 14.45 22.53 -2.35
N MET B 520 13.64 22.72 -1.31
CA MET B 520 14.11 23.41 -0.13
C MET B 520 15.11 22.55 0.65
N SER B 521 15.91 23.21 1.47
CA SER B 521 16.95 22.54 2.24
C SER B 521 16.37 22.05 3.57
N LEU B 522 16.29 20.73 3.73
CA LEU B 522 15.83 20.12 4.96
C LEU B 522 16.78 19.00 5.34
N PHE B 523 16.64 18.51 6.57
CA PHE B 523 17.50 17.46 7.11
C PHE B 523 18.98 17.86 7.07
N SER B 524 19.25 19.14 7.22
CA SER B 524 20.63 19.65 7.18
C SER B 524 20.75 20.95 7.96
#